data_9M7F
#
_entry.id   9M7F
#
_cell.length_a   96.546
_cell.length_b   96.546
_cell.length_c   401.409
_cell.angle_alpha   90.000
_cell.angle_beta   90.000
_cell.angle_gamma   90.000
#
_symmetry.space_group_name_H-M   'P 43 21 2'
#
loop_
_entity.id
_entity.type
_entity.pdbx_description
1 polymer 'Haloacid dehalogenase superfamily, subfamily IA, variant 3 with third motif having DD or ED'
2 non-polymer 'FARNESYL DIPHOSPHATE'
3 non-polymer 'CHLORIDE ION'
4 non-polymer 'SULFATE ION'
5 non-polymer GLYCEROL
6 non-polymer '2-(N-MORPHOLINO)-ETHANESULFONIC ACID'
7 water water
#
_entity_poly.entity_id   1
_entity_poly.type   'polypeptide(L)'
_entity_poly.pdbx_seq_one_letter_code
;GSHLTPELITSLQELSQILDRYDTIVFDLGDVLLHWDSVHFTSETKGIDDVRKMVKHPVWQDLEKGLINQEFALTALSCE
LETPCSKLKEMLELSIASLQVNPLMVEVLRVLHKKDKQIYCLSNVDLESFSYLYKQFDFWKYFDGIYVSALLQLRKPNPD
IFQYLISSASINTKSTIFIDDKSENLQEAANFGISTLKYNKDNFEYTAIEGGWPIPLQNMTPEIHKKRTLGEDYLNLRLR
KFPFCKSFVSNNVELIGGEDFSKEIFSTAVILHSYTSLPDDIIASMCHEILNHDGQNKLRWCFYKNEARPDNFPDDLNTT
SMVLSFLLNHNKLTIEKIIPVAEQMIANRNEEGIIQVYFDDNRPRIDAIVAINVLYLMHQIGYGERKELKETEAFVFDFL
ISKEYLKGTRYYPAPDVFLFFLSRLVVDFPDQFEKFHKPLTEMLITRVNCSTFPLERALRIIALKKLGIVNRVDFLKLLD
TQLADGGWPVYGLFIAPRSNTYFGSRELSTAFALEALHILS
;
_entity_poly.pdbx_strand_id   A,B
#
# COMPACT_ATOMS: atom_id res chain seq x y z
N LEU A 4 29.04 0.70 33.31
CA LEU A 4 29.67 1.56 34.31
C LEU A 4 28.76 1.83 35.53
N THR A 5 28.94 3.00 36.15
CA THR A 5 28.13 3.42 37.30
C THR A 5 27.85 4.92 37.23
N PRO A 6 26.58 5.34 37.33
CA PRO A 6 26.24 6.76 37.16
C PRO A 6 26.67 7.60 38.35
N GLU A 7 26.57 8.90 38.14
CA GLU A 7 26.86 9.93 39.12
C GLU A 7 25.52 10.54 39.51
N LEU A 8 24.98 10.15 40.66
CA LEU A 8 23.64 10.57 41.06
C LEU A 8 23.63 12.07 41.36
N ILE A 9 22.65 12.78 40.78
CA ILE A 9 22.59 14.23 40.88
C ILE A 9 21.27 14.65 41.51
N THR A 10 21.36 15.63 42.43
CA THR A 10 20.19 16.18 43.11
C THR A 10 20.28 17.68 43.31
N SER A 11 21.30 18.35 42.79
CA SER A 11 21.41 19.80 42.85
C SER A 11 21.00 20.42 41.52
N LEU A 12 19.95 21.26 41.55
CA LEU A 12 19.56 22.00 40.37
C LEU A 12 20.70 22.84 39.84
N GLN A 13 21.65 23.22 40.69
CA GLN A 13 22.81 23.95 40.21
C GLN A 13 23.77 23.03 39.47
N GLU A 14 23.95 21.80 39.98
CA GLU A 14 24.77 20.83 39.26
C GLU A 14 24.10 20.47 37.94
N LEU A 15 22.84 20.03 37.98
CA LEU A 15 22.10 19.69 36.78
C LEU A 15 22.30 20.75 35.69
N SER A 16 22.19 22.03 36.06
CA SER A 16 22.26 23.07 35.05
C SER A 16 23.67 23.18 34.48
N GLN A 17 24.67 22.74 35.21
CA GLN A 17 26.03 22.77 34.67
C GLN A 17 26.32 21.51 33.86
N ILE A 18 25.69 20.39 34.21
CA ILE A 18 25.73 19.20 33.35
C ILE A 18 25.10 19.51 32.00
N LEU A 19 23.84 19.97 32.01
CA LEU A 19 23.14 20.24 30.76
C LEU A 19 23.85 21.29 29.94
N ASP A 20 24.33 22.36 30.58
CA ASP A 20 24.91 23.45 29.81
C ASP A 20 26.20 23.05 29.12
N ARG A 21 26.78 21.91 29.48
CA ARG A 21 27.96 21.39 28.81
C ARG A 21 27.65 20.80 27.44
N TYR A 22 26.38 20.73 27.04
CA TYR A 22 25.98 19.98 25.86
C TYR A 22 25.24 20.91 24.90
N ASP A 23 25.46 20.70 23.60
CA ASP A 23 24.84 21.51 22.57
C ASP A 23 23.50 21.00 22.17
N THR A 24 23.27 19.69 22.35
CA THR A 24 22.06 19.01 21.95
C THR A 24 21.53 18.19 23.10
N ILE A 25 20.26 18.41 23.44
CA ILE A 25 19.58 17.66 24.50
C ILE A 25 18.39 16.95 23.87
N VAL A 26 18.26 15.66 24.17
CA VAL A 26 17.13 14.83 23.73
C VAL A 26 16.26 14.50 24.94
N PHE A 27 14.98 14.85 24.88
CA PHE A 27 13.99 14.45 25.87
C PHE A 27 13.11 13.34 25.30
N ASP A 28 12.72 12.40 26.16
CA ASP A 28 11.55 11.58 25.90
C ASP A 28 10.32 12.35 26.37
N LEU A 29 9.17 11.70 26.43
CA LEU A 29 7.98 12.31 26.99
C LEU A 29 7.57 11.70 28.33
N GLY A 30 7.64 10.38 28.44
CA GLY A 30 7.12 9.70 29.62
C GLY A 30 7.93 10.00 30.87
N ASP A 31 7.25 10.48 31.91
CA ASP A 31 7.80 10.87 33.22
C ASP A 31 8.59 12.16 33.14
N VAL A 32 9.47 12.29 32.15
CA VAL A 32 10.30 13.49 32.07
C VAL A 32 9.44 14.72 31.83
N LEU A 33 8.53 14.67 30.86
CA LEU A 33 7.69 15.83 30.58
C LEU A 33 6.21 15.61 30.88
N LEU A 34 5.75 14.36 30.90
CA LEU A 34 4.35 14.03 31.07
C LEU A 34 4.28 12.85 32.03
N HIS A 35 3.41 12.93 33.03
CA HIS A 35 3.25 11.82 33.97
C HIS A 35 1.79 11.75 34.40
N TRP A 36 1.51 10.78 35.26
CA TRP A 36 0.24 10.68 35.94
C TRP A 36 0.44 11.11 37.39
N ASP A 37 -0.53 11.86 37.91
CA ASP A 37 -0.49 12.27 39.31
C ASP A 37 -1.91 12.45 39.78
N SER A 38 -2.35 11.58 40.70
CA SER A 38 -3.73 11.62 41.22
C SER A 38 -3.76 12.15 42.64
N THR A 45 -14.59 -4.10 35.63
CA THR A 45 -15.98 -4.55 35.63
C THR A 45 -16.16 -5.76 34.71
N LYS A 46 -15.35 -5.84 33.64
CA LYS A 46 -15.42 -6.96 32.69
C LYS A 46 -14.02 -7.15 32.05
N GLY A 47 -13.16 -7.93 32.73
CA GLY A 47 -11.87 -8.26 32.16
C GLY A 47 -10.65 -7.57 32.74
N ILE A 48 -10.02 -6.67 31.97
CA ILE A 48 -8.73 -6.07 32.31
C ILE A 48 -8.97 -4.67 32.87
N ASP A 49 -8.58 -4.46 34.13
CA ASP A 49 -8.59 -3.14 34.76
C ASP A 49 -7.24 -2.45 34.67
N ASP A 50 -6.19 -3.21 34.35
CA ASP A 50 -4.85 -2.69 34.24
C ASP A 50 -4.51 -2.44 32.78
N VAL A 51 -4.31 -1.18 32.41
CA VAL A 51 -3.74 -0.81 31.14
C VAL A 51 -2.31 -1.30 30.97
N ARG A 52 -1.66 -1.74 32.05
CA ARG A 52 -0.32 -2.30 31.90
C ARG A 52 -0.34 -3.43 30.88
N LYS A 53 -1.42 -4.22 30.86
CA LYS A 53 -1.49 -5.37 29.97
C LYS A 53 -1.58 -4.94 28.50
N MET A 54 -2.30 -3.86 28.21
CA MET A 54 -2.31 -3.36 26.83
C MET A 54 -0.90 -3.01 26.37
N VAL A 55 -0.14 -2.30 27.21
CA VAL A 55 1.09 -1.67 26.73
C VAL A 55 2.25 -2.66 26.70
N LYS A 56 2.24 -3.67 27.57
CA LYS A 56 3.22 -4.76 27.52
C LYS A 56 2.95 -5.75 26.40
N HIS A 57 1.75 -5.70 25.73
CA HIS A 57 1.40 -6.71 24.74
C HIS A 57 2.12 -6.45 23.42
N PRO A 58 2.61 -7.49 22.75
CA PRO A 58 3.32 -7.30 21.47
C PRO A 58 2.55 -6.46 20.45
N VAL A 59 1.24 -6.64 20.33
CA VAL A 59 0.45 -5.80 19.43
C VAL A 59 0.73 -4.34 19.67
N TRP A 60 1.00 -3.97 20.93
CA TRP A 60 1.18 -2.56 21.24
C TRP A 60 2.38 -2.00 20.48
N GLN A 61 3.43 -2.81 20.28
CA GLN A 61 4.53 -2.38 19.42
C GLN A 61 4.06 -2.03 18.02
N ASP A 62 3.13 -2.83 17.46
CA ASP A 62 2.61 -2.48 16.14
C ASP A 62 1.96 -1.10 16.19
N LEU A 63 1.18 -0.83 17.23
CA LEU A 63 0.56 0.48 17.37
C LEU A 63 1.60 1.59 17.52
N GLU A 64 2.67 1.33 18.29
CA GLU A 64 3.71 2.35 18.48
C GLU A 64 4.45 2.64 17.19
N LYS A 65 4.73 1.62 16.36
CA LYS A 65 5.40 1.85 15.09
C LYS A 65 4.51 2.49 14.06
N GLY A 66 3.26 2.80 14.39
CA GLY A 66 2.39 3.35 13.37
C GLY A 66 2.06 2.36 12.27
N LEU A 67 2.12 1.06 12.56
CA LEU A 67 1.70 0.03 11.61
C LEU A 67 0.20 -0.19 11.63
N ILE A 68 -0.44 0.03 12.78
CA ILE A 68 -1.88 -0.07 12.93
C ILE A 68 -2.35 1.11 13.78
N ASN A 69 -3.62 1.47 13.63
CA ASN A 69 -4.13 2.57 14.42
C ASN A 69 -4.81 2.06 15.70
N GLN A 70 -5.34 2.98 16.50
CA GLN A 70 -5.85 2.61 17.80
C GLN A 70 -7.02 1.62 17.68
N GLU A 71 -7.93 1.86 16.73
CA GLU A 71 -9.05 0.95 16.53
C GLU A 71 -8.58 -0.48 16.26
N PHE A 72 -7.74 -0.66 15.25
CA PHE A 72 -7.16 -1.97 15.01
C PHE A 72 -6.58 -2.54 16.28
N ALA A 73 -5.75 -1.75 16.97
CA ALA A 73 -5.05 -2.25 18.15
C ALA A 73 -6.04 -2.68 19.22
N LEU A 74 -7.12 -1.91 19.38
CA LEU A 74 -8.09 -2.21 20.43
C LEU A 74 -8.90 -3.45 20.12
N THR A 75 -9.23 -3.69 18.84
CA THR A 75 -9.94 -4.94 18.54
C THR A 75 -9.02 -6.14 18.75
N ALA A 76 -7.75 -6.05 18.33
CA ALA A 76 -6.85 -7.17 18.53
C ALA A 76 -6.63 -7.45 20.01
N LEU A 77 -6.46 -6.40 20.82
CA LEU A 77 -6.25 -6.60 22.25
C LEU A 77 -7.52 -7.08 22.93
N SER A 78 -8.65 -6.49 22.54
CA SER A 78 -9.95 -6.99 22.97
C SER A 78 -10.01 -8.51 22.95
N CYS A 79 -9.58 -9.10 21.83
CA CYS A 79 -9.56 -10.54 21.73
C CYS A 79 -8.46 -11.14 22.60
N GLU A 80 -7.22 -10.66 22.47
CA GLU A 80 -6.13 -11.31 23.18
C GLU A 80 -6.21 -11.11 24.70
N LEU A 81 -6.68 -9.95 25.15
CA LEU A 81 -6.87 -9.72 26.58
C LEU A 81 -8.25 -10.14 27.05
N GLU A 82 -9.10 -10.63 26.15
CA GLU A 82 -10.44 -11.11 26.51
C GLU A 82 -11.18 -10.11 27.39
N THR A 83 -11.22 -8.87 26.90
CA THR A 83 -11.89 -7.74 27.51
C THR A 83 -12.73 -7.05 26.44
N PRO A 84 -13.93 -6.59 26.78
CA PRO A 84 -14.72 -5.84 25.80
C PRO A 84 -13.90 -4.69 25.22
N CYS A 85 -14.10 -4.46 23.92
CA CYS A 85 -13.37 -3.39 23.24
C CYS A 85 -13.62 -2.06 23.93
N SER A 86 -14.88 -1.78 24.23
CA SER A 86 -15.23 -0.47 24.76
C SER A 86 -14.54 -0.22 26.09
N LYS A 87 -14.44 -1.25 26.93
CA LYS A 87 -13.73 -1.09 28.19
C LYS A 87 -12.28 -0.69 27.94
N LEU A 88 -11.58 -1.43 27.07
CA LEU A 88 -10.19 -1.10 26.76
C LEU A 88 -10.08 0.35 26.29
N LYS A 89 -11.04 0.82 25.50
CA LYS A 89 -10.95 2.17 24.96
C LYS A 89 -11.20 3.22 26.04
N GLU A 90 -12.18 2.99 26.91
CA GLU A 90 -12.42 3.90 28.03
C GLU A 90 -11.18 4.02 28.90
N MET A 91 -10.59 2.89 29.26
CA MET A 91 -9.35 2.92 30.04
C MET A 91 -8.29 3.72 29.33
N LEU A 92 -8.06 3.42 28.05
CA LEU A 92 -7.05 4.15 27.28
C LEU A 92 -7.31 5.66 27.33
N GLU A 93 -8.58 6.06 27.25
CA GLU A 93 -8.90 7.48 27.22
C GLU A 93 -8.68 8.14 28.59
N LEU A 94 -9.03 7.44 29.68
CA LEU A 94 -8.80 8.01 31.00
C LEU A 94 -7.31 8.19 31.27
N SER A 95 -6.50 7.17 30.97
CA SER A 95 -5.05 7.28 31.18
C SER A 95 -4.50 8.49 30.48
N ILE A 96 -4.78 8.61 29.17
CA ILE A 96 -4.28 9.73 28.39
C ILE A 96 -4.79 11.04 28.97
N ALA A 97 -6.07 11.09 29.33
CA ALA A 97 -6.69 12.32 29.77
C ALA A 97 -6.17 12.77 31.12
N SER A 98 -5.72 11.85 31.94
CA SER A 98 -5.20 12.18 33.25
C SER A 98 -3.71 12.49 33.23
N LEU A 99 -3.13 12.61 32.04
CA LEU A 99 -1.72 12.98 31.93
C LEU A 99 -1.51 14.43 32.35
N GLN A 100 -0.47 14.67 33.13
CA GLN A 100 -0.15 16.03 33.56
C GLN A 100 1.29 16.36 33.25
N VAL A 101 1.53 17.65 32.98
CA VAL A 101 2.88 18.13 32.74
C VAL A 101 3.77 17.89 33.97
N ASN A 102 5.04 17.63 33.71
CA ASN A 102 6.05 17.65 34.75
C ASN A 102 6.55 19.09 34.84
N PRO A 103 6.14 19.86 35.86
CA PRO A 103 6.42 21.32 35.84
C PRO A 103 7.89 21.68 35.91
N LEU A 104 8.66 21.00 36.76
CA LEU A 104 10.10 21.25 36.79
C LEU A 104 10.73 21.02 35.43
N MET A 105 10.50 19.85 34.84
CA MET A 105 11.20 19.52 33.61
C MET A 105 10.76 20.37 32.44
N VAL A 106 9.48 20.75 32.37
CA VAL A 106 9.06 21.66 31.32
C VAL A 106 9.84 22.95 31.42
N GLU A 107 10.04 23.43 32.65
CA GLU A 107 10.75 24.69 32.84
C GLU A 107 12.21 24.54 32.47
N VAL A 108 12.82 23.40 32.81
CA VAL A 108 14.16 23.12 32.31
C VAL A 108 14.18 23.21 30.79
N LEU A 109 13.17 22.64 30.15
CA LEU A 109 13.09 22.65 28.70
C LEU A 109 12.94 24.08 28.16
N ARG A 110 12.00 24.84 28.71
CA ARG A 110 11.86 26.23 28.29
C ARG A 110 13.20 26.95 28.33
N VAL A 111 14.00 26.70 29.37
CA VAL A 111 15.23 27.48 29.58
C VAL A 111 16.34 26.99 28.65
N LEU A 112 16.47 25.67 28.47
CA LEU A 112 17.38 25.15 27.45
C LEU A 112 17.06 25.74 26.08
N HIS A 113 15.78 25.76 25.72
CA HIS A 113 15.36 26.44 24.50
C HIS A 113 15.78 27.91 24.51
N LYS A 114 15.46 28.61 25.61
CA LYS A 114 15.75 30.03 25.72
C LYS A 114 17.24 30.32 25.58
N LYS A 115 18.10 29.40 26.03
CA LYS A 115 19.55 29.50 25.90
C LYS A 115 20.06 28.94 24.57
N ASP A 116 19.18 28.73 23.59
CA ASP A 116 19.56 28.38 22.21
C ASP A 116 20.37 27.08 22.16
N LYS A 117 19.90 26.08 22.88
CA LYS A 117 20.37 24.72 22.68
C LYS A 117 19.63 24.06 21.52
N GLN A 118 20.18 22.95 21.02
CA GLN A 118 19.46 22.06 20.10
C GLN A 118 18.68 21.04 20.91
N ILE A 119 17.35 21.08 20.82
CA ILE A 119 16.52 20.17 21.60
C ILE A 119 15.64 19.33 20.68
N TYR A 120 15.73 18.01 20.84
CA TYR A 120 14.87 17.07 20.14
C TYR A 120 14.02 16.26 21.11
N CYS A 121 12.79 15.99 20.70
CA CYS A 121 11.91 15.02 21.34
C CYS A 121 12.01 13.67 20.64
N LEU A 122 12.16 12.61 21.42
CA LEU A 122 12.24 11.24 20.89
C LEU A 122 11.35 10.34 21.74
N SER A 123 10.17 9.96 21.23
CA SER A 123 9.19 9.27 22.05
C SER A 123 8.56 8.08 21.32
N ASN A 124 8.39 6.98 22.05
CA ASN A 124 7.56 5.86 21.60
C ASN A 124 6.12 6.17 21.95
N VAL A 125 5.39 6.78 21.01
CA VAL A 125 3.99 7.14 21.24
C VAL A 125 3.25 6.94 19.92
N ASP A 126 2.00 6.48 20.03
CA ASP A 126 1.23 6.15 18.84
C ASP A 126 0.68 7.43 18.20
N LEU A 127 0.26 7.32 16.94
CA LEU A 127 -0.02 8.53 16.18
C LEU A 127 -1.22 9.27 16.75
N GLU A 128 -2.30 8.57 17.07
CA GLU A 128 -3.48 9.27 17.57
C GLU A 128 -3.21 9.89 18.94
N SER A 129 -2.51 9.18 19.82
CA SER A 129 -2.21 9.74 21.14
C SER A 129 -1.31 10.97 20.99
N PHE A 130 -0.19 10.82 20.29
CA PHE A 130 0.64 11.96 19.97
C PHE A 130 -0.20 13.14 19.49
N SER A 131 -1.17 12.87 18.63
CA SER A 131 -2.00 13.93 18.07
C SER A 131 -2.73 14.69 19.17
N TYR A 132 -3.27 13.97 20.14
CA TYR A 132 -3.95 14.55 21.28
C TYR A 132 -2.99 15.37 22.14
N LEU A 133 -1.86 14.78 22.52
CA LEU A 133 -0.88 15.47 23.34
C LEU A 133 -0.36 16.73 22.65
N TYR A 134 -0.23 16.72 21.32
CA TYR A 134 0.23 17.94 20.66
C TYR A 134 -0.74 19.08 20.91
N LYS A 135 -2.04 18.78 20.87
CA LYS A 135 -3.04 19.81 21.13
C LYS A 135 -3.13 20.16 22.62
N GLN A 136 -3.17 19.15 23.50
CA GLN A 136 -3.34 19.40 24.93
C GLN A 136 -2.28 20.33 25.49
N PHE A 137 -1.00 20.05 25.23
CA PHE A 137 0.10 20.63 25.97
C PHE A 137 0.84 21.62 25.11
N ASP A 138 1.63 22.48 25.76
CA ASP A 138 2.16 23.65 25.07
C ASP A 138 3.67 23.78 25.20
N PHE A 139 4.38 22.67 25.38
CA PHE A 139 5.82 22.70 25.42
C PHE A 139 6.46 22.29 24.10
N TRP A 140 5.65 22.08 23.06
CA TRP A 140 6.21 21.58 21.80
C TRP A 140 7.05 22.65 21.12
N LYS A 141 6.67 23.92 21.27
CA LYS A 141 7.39 25.07 20.74
C LYS A 141 8.84 25.15 21.21
N TYR A 142 9.25 24.34 22.18
CA TYR A 142 10.64 24.33 22.67
C TYR A 142 11.52 23.34 21.95
N PHE A 143 10.96 22.44 21.17
CA PHE A 143 11.75 21.47 20.44
C PHE A 143 12.14 22.01 19.08
N ASP A 144 13.32 21.61 18.62
CA ASP A 144 13.76 21.90 17.27
C ASP A 144 13.32 20.82 16.29
N GLY A 145 13.12 19.60 16.76
CA GLY A 145 12.47 18.57 15.99
C GLY A 145 11.87 17.51 16.88
N ILE A 146 10.72 16.99 16.45
CA ILE A 146 9.97 15.98 17.18
C ILE A 146 10.07 14.67 16.42
N TYR A 147 10.54 13.62 17.11
CA TYR A 147 10.78 12.29 16.50
C TYR A 147 9.90 11.28 17.24
N VAL A 148 8.70 11.07 16.72
CA VAL A 148 7.69 10.19 17.30
C VAL A 148 7.66 8.87 16.53
N SER A 149 7.70 7.76 17.27
CA SER A 149 7.84 6.43 16.67
C SER A 149 6.76 6.17 15.63
N ALA A 150 5.50 6.41 15.97
CA ALA A 150 4.43 6.10 15.03
C ALA A 150 4.55 6.88 13.72
N LEU A 151 5.36 7.94 13.67
CA LEU A 151 5.64 8.62 12.41
C LEU A 151 6.97 8.19 11.79
N LEU A 152 7.82 7.53 12.55
CA LEU A 152 9.07 7.05 11.98
C LEU A 152 8.98 5.60 11.53
N GLN A 153 7.99 4.86 12.01
CA GLN A 153 7.91 3.42 11.88
C GLN A 153 9.18 2.75 12.41
N LEU A 154 9.69 3.34 13.48
CA LEU A 154 10.80 2.84 14.27
C LEU A 154 10.41 3.00 15.74
N ARG A 155 11.15 2.35 16.64
CA ARG A 155 10.77 2.51 18.03
C ARG A 155 11.98 2.24 18.93
N LYS A 156 12.08 3.04 19.99
CA LYS A 156 13.00 2.73 21.06
C LYS A 156 12.67 1.34 21.62
N PRO A 157 13.68 0.54 22.00
CA PRO A 157 15.12 0.83 22.06
C PRO A 157 15.94 0.23 20.92
N ASN A 158 15.27 -0.02 19.79
CA ASN A 158 15.97 -0.51 18.60
C ASN A 158 17.02 0.52 18.18
N PRO A 159 18.24 0.10 17.87
CA PRO A 159 19.25 1.08 17.44
C PRO A 159 18.85 1.86 16.21
N ASP A 160 18.00 1.27 15.36
CA ASP A 160 17.55 1.94 14.14
C ASP A 160 17.12 3.39 14.41
N ILE A 161 16.26 3.59 15.41
CA ILE A 161 15.72 4.92 15.66
C ILE A 161 16.83 5.90 16.02
N PHE A 162 17.81 5.44 16.81
CA PHE A 162 18.89 6.34 17.21
C PHE A 162 19.72 6.72 16.01
N GLN A 163 20.02 5.75 15.15
CA GLN A 163 20.72 6.07 13.91
C GLN A 163 19.90 7.04 13.06
N TYR A 164 18.58 6.87 13.05
CA TYR A 164 17.77 7.79 12.26
C TYR A 164 17.84 9.20 12.83
N LEU A 165 17.63 9.33 14.14
CA LEU A 165 17.71 10.63 14.80
C LEU A 165 19.04 11.31 14.51
N ILE A 166 20.14 10.60 14.78
CA ILE A 166 21.47 11.17 14.62
C ILE A 166 21.66 11.72 13.21
N SER A 167 21.38 10.89 12.19
CA SER A 167 21.60 11.35 10.82
C SER A 167 20.55 12.34 10.37
N SER A 168 19.30 12.16 10.81
CA SER A 168 18.25 13.09 10.45
C SER A 168 18.51 14.48 11.02
N ALA A 169 18.86 14.56 12.32
CA ALA A 169 19.09 15.86 12.95
C ALA A 169 20.53 16.36 12.78
N SER A 170 21.44 15.53 12.27
CA SER A 170 22.84 15.92 12.12
C SER A 170 23.44 16.19 13.49
N ILE A 171 23.26 15.23 14.38
CA ILE A 171 23.64 15.35 15.77
C ILE A 171 25.09 14.94 15.91
N ASN A 172 25.88 15.79 16.57
CA ASN A 172 27.22 15.44 17.01
C ASN A 172 27.07 14.75 18.36
N THR A 173 27.12 13.43 18.38
CA THR A 173 26.84 12.72 19.63
C THR A 173 27.79 13.10 20.74
N LYS A 174 28.91 13.76 20.41
CA LYS A 174 29.84 14.18 21.44
C LYS A 174 29.19 15.17 22.40
N SER A 175 28.49 16.16 21.86
CA SER A 175 27.85 17.22 22.64
C SER A 175 26.34 16.99 22.78
N THR A 176 25.94 15.73 22.93
CA THR A 176 24.52 15.38 23.03
C THR A 176 24.29 14.54 24.27
N ILE A 177 23.30 14.95 25.05
CA ILE A 177 22.86 14.19 26.20
C ILE A 177 21.37 13.87 26.05
N PHE A 178 20.98 12.73 26.61
CA PHE A 178 19.68 12.11 26.40
C PHE A 178 19.01 11.89 27.76
N ILE A 179 17.84 12.50 27.96
CA ILE A 179 17.09 12.42 29.21
C ILE A 179 15.91 11.47 29.00
N ASP A 180 15.96 10.31 29.64
CA ASP A 180 14.87 9.36 29.55
C ASP A 180 14.73 8.69 30.91
N ASP A 181 13.56 8.08 31.15
CA ASP A 181 13.34 7.34 32.38
C ASP A 181 13.49 5.84 32.22
N LYS A 182 13.69 5.33 30.99
CA LYS A 182 13.81 3.89 30.76
C LYS A 182 15.28 3.54 30.57
N SER A 183 15.74 2.55 31.33
CA SER A 183 17.15 2.21 31.30
C SER A 183 17.59 1.76 29.91
N GLU A 184 16.84 0.83 29.31
CA GLU A 184 17.27 0.27 28.03
C GLU A 184 17.42 1.33 26.94
N ASN A 185 16.56 2.36 26.95
CA ASN A 185 16.69 3.43 25.97
C ASN A 185 18.01 4.17 26.13
N LEU A 186 18.34 4.53 27.38
CA LEU A 186 19.59 5.23 27.60
C LEU A 186 20.79 4.35 27.27
N GLN A 187 20.65 3.04 27.46
CA GLN A 187 21.73 2.12 27.10
C GLN A 187 22.02 2.19 25.60
N GLU A 188 21.02 1.92 24.79
CA GLU A 188 21.21 1.97 23.34
C GLU A 188 21.74 3.33 22.90
N ALA A 189 21.15 4.40 23.44
CA ALA A 189 21.65 5.74 23.17
C ALA A 189 23.14 5.85 23.45
N ALA A 190 23.61 5.27 24.55
CA ALA A 190 25.01 5.36 24.91
C ALA A 190 25.89 4.64 23.88
N ASN A 191 25.41 3.50 23.35
CA ASN A 191 26.16 2.79 22.33
C ASN A 191 26.54 3.71 21.17
N PHE A 192 25.79 4.79 20.94
CA PHE A 192 26.13 5.72 19.87
C PHE A 192 26.96 6.91 20.38
N GLY A 193 27.47 6.83 21.61
CA GLY A 193 28.27 7.91 22.15
C GLY A 193 27.48 9.06 22.73
N ILE A 194 26.20 8.87 23.01
CA ILE A 194 25.37 9.93 23.57
C ILE A 194 25.33 9.75 25.08
N SER A 195 25.61 10.84 25.81
CA SER A 195 25.59 10.80 27.26
C SER A 195 24.16 10.71 27.77
N THR A 196 23.97 9.87 28.78
CA THR A 196 22.64 9.59 29.29
C THR A 196 22.40 10.29 30.62
N LEU A 197 21.12 10.55 30.88
CA LEU A 197 20.67 11.19 32.11
C LEU A 197 19.37 10.47 32.47
N LYS A 198 19.46 9.48 33.36
CA LYS A 198 18.26 8.74 33.72
C LYS A 198 17.44 9.54 34.73
N TYR A 199 16.16 9.73 34.40
CA TYR A 199 15.23 10.47 35.25
C TYR A 199 14.56 9.50 36.21
N ASN A 200 14.88 9.65 37.50
CA ASN A 200 14.12 9.08 38.60
C ASN A 200 13.43 10.21 39.34
N LYS A 201 12.42 9.87 40.13
CA LYS A 201 11.63 10.93 40.75
C LYS A 201 12.33 11.55 41.96
N ASP A 202 13.45 11.00 42.39
CA ASP A 202 14.22 11.57 43.50
C ASP A 202 15.57 12.13 43.07
N ASN A 203 16.07 11.78 41.89
CA ASN A 203 17.40 12.21 41.47
C ASN A 203 17.52 12.01 39.97
N PHE A 204 18.72 12.29 39.47
CA PHE A 204 19.13 11.99 38.11
C PHE A 204 20.39 11.13 38.15
N GLU A 205 20.51 10.21 37.19
CA GLU A 205 21.73 9.42 37.02
C GLU A 205 22.45 9.91 35.76
N TYR A 206 23.48 10.73 35.96
CA TYR A 206 24.27 11.28 34.87
C TYR A 206 25.42 10.34 34.52
N THR A 207 25.52 9.97 33.26
CA THR A 207 26.62 9.14 32.77
C THR A 207 27.20 9.84 31.56
N ALA A 208 28.40 10.40 31.71
CA ALA A 208 29.04 11.04 30.56
C ALA A 208 29.65 9.96 29.68
N ILE A 209 29.70 10.25 28.38
CA ILE A 209 30.12 9.30 27.35
C ILE A 209 30.86 10.09 26.28
N GLU A 210 31.94 9.50 25.76
CA GLU A 210 32.71 10.16 24.70
C GLU A 210 31.99 9.97 23.38
N GLY A 211 31.51 11.07 22.80
CA GLY A 211 30.84 11.06 21.52
C GLY A 211 31.78 11.38 20.37
N GLY A 212 31.19 11.95 19.30
CA GLY A 212 31.96 12.43 18.17
C GLY A 212 32.43 11.37 17.19
N TRP A 213 32.34 10.09 17.54
CA TRP A 213 32.75 9.12 16.53
C TRP A 213 31.65 8.95 15.50
N PRO A 214 32.00 8.78 14.20
CA PRO A 214 31.05 8.70 13.08
C PRO A 214 29.85 7.78 13.34
N GLN A 218 20.51 6.78 7.62
CA GLN A 218 20.45 5.52 8.37
C GLN A 218 20.80 4.29 7.50
N ASN A 219 19.80 3.42 7.28
CA ASN A 219 20.02 2.09 6.69
C ASN A 219 19.33 1.89 5.35
N MET A 220 18.76 2.94 4.76
CA MET A 220 18.34 2.89 3.37
C MET A 220 19.15 3.82 2.49
N THR A 221 20.14 4.53 3.06
CA THR A 221 20.83 5.58 2.32
C THR A 221 21.31 5.16 0.94
N PRO A 222 21.74 3.91 0.71
CA PRO A 222 22.08 3.52 -0.68
C PRO A 222 20.89 3.58 -1.63
N GLU A 223 19.77 2.97 -1.24
CA GLU A 223 18.57 3.04 -2.05
C GLU A 223 18.12 4.48 -2.25
N ILE A 224 18.00 5.24 -1.16
CA ILE A 224 17.47 6.60 -1.25
C ILE A 224 18.33 7.44 -2.17
N HIS A 225 19.65 7.26 -2.12
CA HIS A 225 20.50 8.05 -3.00
C HIS A 225 20.21 7.73 -4.46
N LYS A 226 20.11 6.44 -4.79
CA LYS A 226 19.85 6.05 -6.16
C LYS A 226 18.52 6.64 -6.65
N LYS A 227 17.46 6.48 -5.86
CA LYS A 227 16.17 7.03 -6.27
C LYS A 227 16.25 8.55 -6.46
N ARG A 228 16.98 9.25 -5.60
CA ARG A 228 17.09 10.69 -5.71
C ARG A 228 17.83 11.08 -6.98
N THR A 229 18.96 10.44 -7.23
CA THR A 229 19.67 10.72 -8.47
C THR A 229 18.80 10.43 -9.69
N LEU A 230 18.12 9.29 -9.69
CA LEU A 230 17.26 8.93 -10.80
C LEU A 230 16.17 9.97 -11.00
N GLY A 231 15.49 10.37 -9.92
CA GLY A 231 14.49 11.41 -10.01
C GLY A 231 15.05 12.75 -10.46
N GLU A 232 16.28 13.08 -10.04
CA GLU A 232 16.87 14.34 -10.46
C GLU A 232 17.16 14.31 -11.96
N ASP A 233 17.83 13.26 -12.42
CA ASP A 233 18.09 13.13 -13.85
C ASP A 233 16.81 13.21 -14.66
N TYR A 234 15.75 12.55 -14.21
CA TYR A 234 14.48 12.64 -14.91
C TYR A 234 14.01 14.09 -15.01
N LEU A 235 13.86 14.75 -13.85
CA LEU A 235 13.28 16.09 -13.87
C LEU A 235 14.18 17.06 -14.60
N ASN A 236 15.49 16.96 -14.39
CA ASN A 236 16.44 17.81 -15.12
C ASN A 236 16.26 17.69 -16.62
N LEU A 237 16.03 16.46 -17.10
CA LEU A 237 15.89 16.26 -18.54
C LEU A 237 14.59 16.87 -19.04
N ARG A 238 13.48 16.61 -18.35
CA ARG A 238 12.20 17.19 -18.73
C ARG A 238 12.27 18.72 -18.80
N LEU A 239 12.82 19.36 -17.76
CA LEU A 239 12.79 20.82 -17.70
C LEU A 239 13.79 21.43 -18.66
N ARG A 240 14.95 20.79 -18.87
CA ARG A 240 15.87 21.26 -19.90
C ARG A 240 15.24 21.20 -21.30
N LYS A 241 14.51 20.14 -21.62
CA LYS A 241 13.80 20.10 -22.89
C LYS A 241 12.57 21.01 -22.91
N PHE A 242 11.90 21.21 -21.78
CA PHE A 242 10.64 21.97 -21.72
C PHE A 242 10.65 22.91 -20.52
N PRO A 243 11.49 23.97 -20.57
CA PRO A 243 11.58 24.87 -19.41
C PRO A 243 10.29 25.58 -19.12
N PHE A 244 9.45 25.77 -20.13
CA PHE A 244 8.05 26.10 -19.92
C PHE A 244 7.35 24.80 -19.52
N CYS A 245 7.12 24.64 -18.21
CA CYS A 245 6.69 23.36 -17.68
C CYS A 245 5.42 22.87 -18.35
N LYS A 246 5.42 21.59 -18.76
CA LYS A 246 4.29 21.05 -19.48
C LYS A 246 3.12 20.84 -18.54
N SER A 247 1.95 20.65 -19.14
CA SER A 247 0.77 20.30 -18.36
C SER A 247 -0.16 19.49 -19.24
N PHE A 248 -0.90 18.59 -18.61
CA PHE A 248 -1.90 17.78 -19.27
C PHE A 248 -3.23 18.06 -18.60
N VAL A 249 -4.31 17.82 -19.34
CA VAL A 249 -5.65 18.10 -18.82
C VAL A 249 -6.54 16.89 -18.99
N SER A 250 -7.57 16.81 -18.14
CA SER A 250 -8.49 15.68 -18.15
C SER A 250 -9.61 15.91 -17.15
N ASN A 251 -10.47 14.91 -16.95
CA ASN A 251 -11.58 14.97 -16.01
C ASN A 251 -11.21 14.58 -14.58
N ASN A 252 -10.01 14.05 -14.37
CA ASN A 252 -9.72 13.35 -13.13
C ASN A 252 -8.32 13.69 -12.65
N VAL A 253 -8.10 13.51 -11.35
CA VAL A 253 -6.87 13.96 -10.71
C VAL A 253 -5.67 13.12 -11.15
N GLU A 254 -5.89 11.88 -11.53
CA GLU A 254 -4.79 11.08 -12.06
C GLU A 254 -4.53 11.37 -13.52
N LEU A 255 -5.26 12.32 -14.12
CA LEU A 255 -5.11 12.72 -15.52
C LEU A 255 -5.05 11.50 -16.43
N ILE A 256 -5.83 10.49 -16.08
CA ILE A 256 -6.01 9.34 -16.96
C ILE A 256 -6.74 9.81 -18.20
N GLY A 257 -6.13 9.59 -19.37
CA GLY A 257 -6.71 10.12 -20.58
C GLY A 257 -6.47 11.59 -20.78
N GLY A 258 -5.43 12.14 -20.16
CA GLY A 258 -5.15 13.53 -20.34
C GLY A 258 -4.49 13.79 -21.69
N GLU A 259 -4.61 15.04 -22.13
CA GLU A 259 -4.00 15.50 -23.36
C GLU A 259 -3.01 16.64 -23.08
N ASP A 260 -1.93 16.67 -23.86
CA ASP A 260 -0.95 17.73 -23.73
C ASP A 260 -1.61 19.09 -23.92
N PHE A 261 -1.50 19.95 -22.90
CA PHE A 261 -1.98 21.32 -22.98
C PHE A 261 -0.79 22.28 -23.01
N SER A 262 -0.17 22.53 -21.86
CA SER A 262 1.13 23.21 -21.81
C SER A 262 1.06 24.64 -22.32
N LYS A 263 -0.05 25.32 -22.08
CA LYS A 263 -0.15 26.71 -22.45
C LYS A 263 -0.46 27.60 -21.26
N GLU A 264 0.00 27.22 -20.06
CA GLU A 264 -0.20 28.03 -18.88
C GLU A 264 1.12 28.12 -18.11
N ILE A 265 1.38 29.31 -17.56
CA ILE A 265 2.67 29.64 -16.92
C ILE A 265 2.68 29.27 -15.44
N PHE A 266 1.52 28.96 -14.85
CA PHE A 266 1.47 28.76 -13.41
C PHE A 266 2.35 27.61 -12.97
N SER A 267 2.27 26.47 -13.68
CA SER A 267 3.09 25.31 -13.31
C SER A 267 4.57 25.66 -13.28
N THR A 268 5.05 26.41 -14.28
CA THR A 268 6.45 26.88 -14.24
C THR A 268 6.75 27.63 -12.94
N ALA A 269 5.88 28.57 -12.59
CA ALA A 269 6.10 29.35 -11.36
C ALA A 269 6.10 28.45 -10.14
N VAL A 270 5.18 27.46 -10.10
CA VAL A 270 5.11 26.56 -8.94
C VAL A 270 6.41 25.78 -8.79
N ILE A 271 6.90 25.21 -9.88
CA ILE A 271 8.17 24.50 -9.82
C ILE A 271 9.25 25.39 -9.22
N LEU A 272 9.41 26.60 -9.80
CA LEU A 272 10.48 27.48 -9.34
C LEU A 272 10.37 27.75 -7.85
N HIS A 273 9.16 28.06 -7.39
CA HIS A 273 8.92 28.47 -6.01
C HIS A 273 9.15 27.35 -5.02
N SER A 274 8.97 26.09 -5.43
CA SER A 274 8.79 24.98 -4.53
C SER A 274 9.95 24.00 -4.46
N TYR A 275 10.61 23.71 -5.57
CA TYR A 275 11.73 22.77 -5.54
C TYR A 275 13.02 23.58 -5.54
N THR A 276 13.81 23.42 -4.47
CA THR A 276 14.89 24.34 -4.14
C THR A 276 16.23 23.96 -4.76
N SER A 277 16.40 22.72 -5.21
CA SER A 277 17.69 22.23 -5.69
C SER A 277 17.81 22.20 -7.22
N LEU A 278 16.90 22.85 -7.96
CA LEU A 278 17.04 22.94 -9.41
C LEU A 278 18.44 23.42 -9.78
N PRO A 279 19.04 22.91 -10.83
CA PRO A 279 20.31 23.46 -11.32
C PRO A 279 20.14 24.88 -11.85
N ASP A 280 21.24 25.64 -11.80
CA ASP A 280 21.17 27.07 -12.10
C ASP A 280 20.68 27.31 -13.52
N ASP A 281 21.17 26.52 -14.47
CA ASP A 281 20.74 26.71 -15.86
C ASP A 281 19.22 26.55 -15.98
N ILE A 282 18.62 25.61 -15.23
CA ILE A 282 17.18 25.40 -15.34
C ILE A 282 16.40 26.56 -14.73
N ILE A 283 16.85 27.01 -13.55
CA ILE A 283 16.24 28.18 -12.93
C ILE A 283 16.27 29.36 -13.88
N ALA A 284 17.44 29.65 -14.46
CA ALA A 284 17.56 30.76 -15.40
C ALA A 284 16.59 30.58 -16.56
N SER A 285 16.62 29.41 -17.18
CA SER A 285 15.79 29.16 -18.35
C SER A 285 14.31 29.25 -18.00
N MET A 286 13.91 28.66 -16.87
CA MET A 286 12.51 28.78 -16.47
C MET A 286 12.16 30.22 -16.12
N CYS A 287 13.10 30.95 -15.48
CA CYS A 287 12.85 32.36 -15.20
C CYS A 287 12.60 33.15 -16.47
N HIS A 288 13.34 32.84 -17.54
CA HIS A 288 13.09 33.53 -18.80
C HIS A 288 11.66 33.32 -19.27
N GLU A 289 11.12 32.10 -19.06
CA GLU A 289 9.75 31.83 -19.47
C GLU A 289 8.76 32.71 -18.74
N ILE A 290 8.99 32.91 -17.43
CA ILE A 290 8.10 33.74 -16.63
C ILE A 290 8.19 35.21 -17.06
N LEU A 291 9.39 35.68 -17.39
CA LEU A 291 9.57 37.07 -17.82
C LEU A 291 9.07 37.31 -19.24
N ASN A 292 9.36 36.42 -20.20
CA ASN A 292 8.88 36.63 -21.56
C ASN A 292 7.47 36.15 -21.80
N HIS A 293 6.76 35.75 -20.76
CA HIS A 293 5.39 35.27 -20.91
C HIS A 293 4.50 36.34 -21.53
N ASP A 294 3.82 35.92 -22.61
CA ASP A 294 2.71 36.63 -23.25
C ASP A 294 1.78 37.37 -22.30
N GLY A 295 1.22 36.66 -21.33
CA GLY A 295 0.14 37.14 -20.47
C GLY A 295 0.55 38.20 -19.47
N GLN A 296 1.85 38.45 -19.35
CA GLN A 296 2.38 39.56 -18.57
C GLN A 296 1.85 40.91 -19.07
N ASN A 297 1.29 41.71 -18.17
CA ASN A 297 0.80 43.04 -18.50
C ASN A 297 1.04 43.95 -17.29
N LYS A 298 2.07 44.79 -17.36
CA LYS A 298 2.38 45.76 -16.30
C LYS A 298 2.62 45.05 -14.96
N LEU A 299 3.44 44.00 -14.98
CA LEU A 299 3.78 43.22 -13.80
C LEU A 299 2.59 42.47 -13.18
N ARG A 300 1.43 42.46 -13.84
CA ARG A 300 0.39 41.46 -13.61
C ARG A 300 0.53 40.31 -14.61
N TRP A 301 0.26 39.09 -14.15
CA TRP A 301 0.36 37.91 -15.02
C TRP A 301 -1.00 37.25 -15.24
N CYS A 302 -1.17 36.71 -16.44
CA CYS A 302 -2.30 35.86 -16.77
C CYS A 302 -1.86 34.39 -16.80
N PHE A 303 -2.70 33.53 -16.22
CA PHE A 303 -2.55 32.07 -16.26
C PHE A 303 -2.15 31.55 -17.64
N TYR A 304 -2.89 31.94 -18.67
CA TYR A 304 -2.71 31.45 -20.04
C TYR A 304 -1.62 32.22 -20.81
N LYS A 305 -1.00 31.53 -21.76
CA LYS A 305 -0.38 32.22 -22.89
C LYS A 305 -1.45 32.90 -23.72
N ASN A 306 -1.05 33.95 -24.43
CA ASN A 306 -2.01 34.63 -25.30
C ASN A 306 -2.65 33.65 -26.28
N GLU A 307 -1.84 32.79 -26.89
CA GLU A 307 -2.37 31.85 -27.87
C GLU A 307 -3.50 31.01 -27.30
N ALA A 308 -3.56 30.80 -25.99
CA ALA A 308 -4.61 30.00 -25.38
C ALA A 308 -5.58 30.81 -24.51
N ARG A 309 -5.34 32.12 -24.33
CA ARG A 309 -6.19 32.92 -23.45
C ARG A 309 -7.63 32.88 -23.94
N PRO A 310 -8.57 32.41 -23.14
CA PRO A 310 -9.99 32.61 -23.46
C PRO A 310 -10.35 34.09 -23.49
N ASP A 311 -11.45 34.38 -24.18
CA ASP A 311 -11.86 35.76 -24.40
C ASP A 311 -12.26 36.41 -23.10
N ASN A 312 -11.63 37.55 -22.80
CA ASN A 312 -11.90 38.30 -21.58
C ASN A 312 -11.49 37.54 -20.33
N PHE A 313 -10.47 36.68 -20.42
CA PHE A 313 -9.99 35.99 -19.23
C PHE A 313 -8.98 36.89 -18.52
N PRO A 314 -9.24 37.27 -17.28
CA PRO A 314 -8.41 38.29 -16.62
C PRO A 314 -7.11 37.71 -16.09
N ASP A 315 -6.15 38.60 -15.88
CA ASP A 315 -5.03 38.31 -14.98
C ASP A 315 -5.59 37.93 -13.63
N ASP A 316 -4.83 37.13 -12.88
CA ASP A 316 -5.29 36.64 -11.60
C ASP A 316 -4.22 36.84 -10.52
N LEU A 317 -4.68 37.04 -9.29
CA LEU A 317 -3.77 37.36 -8.19
C LEU A 317 -2.87 36.21 -7.79
N ASN A 318 -3.17 34.98 -8.22
CA ASN A 318 -2.40 33.83 -7.78
C ASN A 318 -1.13 33.68 -8.62
N THR A 319 -1.28 33.60 -9.94
CA THR A 319 -0.10 33.64 -10.82
C THR A 319 0.73 34.89 -10.53
N THR A 320 0.07 36.04 -10.40
CA THR A 320 0.79 37.28 -10.14
C THR A 320 1.56 37.19 -8.83
N SER A 321 0.87 36.80 -7.76
CA SER A 321 1.50 36.67 -6.45
C SER A 321 2.73 35.76 -6.51
N MET A 322 2.56 34.54 -7.05
CA MET A 322 3.69 33.61 -7.05
C MET A 322 4.84 34.14 -7.89
N VAL A 323 4.52 34.73 -9.04
CA VAL A 323 5.57 35.21 -9.93
C VAL A 323 6.31 36.41 -9.32
N LEU A 324 5.57 37.41 -8.83
CA LEU A 324 6.25 38.53 -8.19
C LEU A 324 7.04 38.07 -6.97
N SER A 325 6.46 37.18 -6.18
CA SER A 325 7.21 36.68 -5.04
C SER A 325 8.51 35.99 -5.48
N PHE A 326 8.48 35.28 -6.61
CA PHE A 326 9.70 34.60 -7.06
C PHE A 326 10.74 35.60 -7.57
N LEU A 327 10.32 36.50 -8.46
CA LEU A 327 11.22 37.52 -8.98
C LEU A 327 11.84 38.31 -7.84
N LEU A 328 11.01 38.77 -6.89
CA LEU A 328 11.55 39.46 -5.73
C LEU A 328 12.60 38.63 -5.05
N ASN A 329 12.27 37.38 -4.76
CA ASN A 329 13.18 36.55 -4.00
C ASN A 329 14.47 36.27 -4.75
N HIS A 330 14.46 36.43 -6.08
CA HIS A 330 15.64 36.18 -6.90
C HIS A 330 16.26 37.46 -7.45
N ASN A 331 15.94 38.61 -6.84
CA ASN A 331 16.56 39.90 -7.16
C ASN A 331 16.37 40.26 -8.63
N LYS A 332 15.20 39.97 -9.17
CA LYS A 332 14.84 40.39 -10.52
C LYS A 332 13.85 41.53 -10.52
N LEU A 333 13.27 41.85 -9.36
CA LEU A 333 12.35 42.96 -9.17
C LEU A 333 12.60 43.49 -7.78
N THR A 334 12.35 44.78 -7.60
CA THR A 334 12.47 45.45 -6.31
C THR A 334 11.11 45.56 -5.64
N ILE A 335 11.15 45.70 -4.32
CA ILE A 335 9.91 45.94 -3.58
C ILE A 335 9.20 47.16 -4.12
N GLU A 336 9.97 48.17 -4.56
CA GLU A 336 9.41 49.41 -5.08
C GLU A 336 8.55 49.17 -6.33
N LYS A 337 9.00 48.28 -7.23
CA LYS A 337 8.22 48.00 -8.43
C LYS A 337 7.00 47.14 -8.12
N ILE A 338 7.09 46.28 -7.09
CA ILE A 338 6.03 45.33 -6.78
C ILE A 338 4.90 46.00 -5.99
N ILE A 339 5.24 46.95 -5.11
CA ILE A 339 4.26 47.43 -4.12
C ILE A 339 3.03 48.01 -4.79
N PRO A 340 3.15 48.75 -5.91
CA PRO A 340 1.92 49.22 -6.57
C PRO A 340 1.00 48.10 -7.01
N VAL A 341 1.55 46.96 -7.46
CA VAL A 341 0.66 45.85 -7.78
C VAL A 341 0.02 45.29 -6.51
N ALA A 342 0.81 45.12 -5.44
CA ALA A 342 0.22 44.76 -4.15
C ALA A 342 -0.92 45.68 -3.78
N GLU A 343 -0.76 46.99 -4.03
CA GLU A 343 -1.84 47.92 -3.74
C GLU A 343 -3.08 47.61 -4.58
N GLN A 344 -2.89 47.20 -5.84
CA GLN A 344 -4.04 46.77 -6.65
C GLN A 344 -4.75 45.60 -6.00
N MET A 345 -3.98 44.64 -5.48
CA MET A 345 -4.57 43.48 -4.83
C MET A 345 -5.38 43.89 -3.59
N ILE A 346 -4.93 44.94 -2.88
CA ILE A 346 -5.72 45.42 -1.74
C ILE A 346 -7.01 46.10 -2.21
N ALA A 347 -7.00 46.69 -3.41
CA ALA A 347 -8.18 47.27 -4.07
C ALA A 347 -9.13 46.22 -4.61
N ASN A 348 -8.87 44.93 -4.38
CA ASN A 348 -9.65 43.84 -4.96
C ASN A 348 -10.47 43.09 -3.91
N ARG A 349 -10.90 43.77 -2.87
CA ARG A 349 -11.64 43.10 -1.80
C ARG A 349 -13.14 43.05 -2.13
N ASN A 350 -13.77 41.97 -1.70
CA ASN A 350 -15.21 41.86 -1.89
C ASN A 350 -15.93 42.47 -0.69
N GLU A 351 -17.26 42.41 -0.69
CA GLU A 351 -18.04 43.07 0.37
C GLU A 351 -17.60 42.62 1.75
N GLU A 352 -17.22 41.35 1.89
CA GLU A 352 -16.76 40.87 3.19
C GLU A 352 -15.30 41.23 3.47
N GLY A 353 -14.69 42.09 2.65
CA GLY A 353 -13.31 42.51 2.86
C GLY A 353 -12.23 41.55 2.40
N ILE A 354 -12.60 40.43 1.79
CA ILE A 354 -11.65 39.41 1.39
C ILE A 354 -11.07 39.74 0.02
N ILE A 355 -9.76 39.59 -0.12
CA ILE A 355 -9.11 39.83 -1.40
C ILE A 355 -9.51 38.74 -2.39
N GLN A 356 -9.86 39.15 -3.60
CA GLN A 356 -10.43 38.24 -4.58
C GLN A 356 -9.38 37.69 -5.54
N VAL A 357 -9.80 36.71 -6.33
CA VAL A 357 -8.89 35.91 -7.15
C VAL A 357 -8.46 36.66 -8.41
N TYR A 358 -9.39 37.30 -9.11
CA TYR A 358 -9.12 37.86 -10.44
C TYR A 358 -8.99 39.37 -10.42
N PHE A 359 -8.09 39.89 -11.24
CA PHE A 359 -8.12 41.32 -11.59
C PHE A 359 -9.29 41.58 -12.54
N ASP A 360 -10.51 41.57 -12.00
CA ASP A 360 -11.72 41.77 -12.79
C ASP A 360 -12.93 41.77 -11.89
N ASP A 361 -13.51 42.95 -11.64
CA ASP A 361 -14.63 43.08 -10.71
C ASP A 361 -15.85 42.29 -11.13
N ASN A 362 -15.88 41.75 -12.34
CA ASN A 362 -17.03 40.98 -12.79
C ASN A 362 -16.81 39.49 -12.70
N ARG A 363 -15.62 39.06 -12.28
CA ARG A 363 -15.34 37.65 -12.00
C ARG A 363 -15.06 37.50 -10.50
N PRO A 364 -16.00 37.90 -9.65
CA PRO A 364 -15.75 37.90 -8.21
C PRO A 364 -15.60 36.47 -7.71
N ARG A 365 -14.46 36.19 -7.09
CA ARG A 365 -14.20 34.88 -6.54
C ARG A 365 -13.19 35.00 -5.40
N ILE A 366 -13.23 34.02 -4.52
CA ILE A 366 -12.24 33.88 -3.46
C ILE A 366 -11.79 32.44 -3.43
N ASP A 367 -10.59 32.24 -2.91
CA ASP A 367 -9.98 30.92 -2.84
C ASP A 367 -8.95 30.97 -1.73
N ALA A 368 -9.13 30.14 -0.69
CA ALA A 368 -8.29 30.27 0.50
C ALA A 368 -6.80 30.19 0.15
N ILE A 369 -6.44 29.35 -0.82
CA ILE A 369 -5.03 29.19 -1.18
C ILE A 369 -4.53 30.39 -1.96
N VAL A 370 -5.39 31.00 -2.79
CA VAL A 370 -4.98 32.22 -3.48
C VAL A 370 -4.80 33.35 -2.47
N ALA A 371 -5.71 33.46 -1.51
CA ALA A 371 -5.50 34.37 -0.39
C ALA A 371 -4.13 34.16 0.24
N ILE A 372 -3.82 32.90 0.61
CA ILE A 372 -2.53 32.59 1.23
C ILE A 372 -1.38 33.12 0.40
N ASN A 373 -1.41 32.88 -0.91
CA ASN A 373 -0.27 33.30 -1.72
C ASN A 373 -0.19 34.82 -1.83
N VAL A 374 -1.33 35.49 -1.82
CA VAL A 374 -1.35 36.94 -1.74
C VAL A 374 -0.77 37.40 -0.40
N LEU A 375 -1.29 36.88 0.71
CA LEU A 375 -0.74 37.25 2.02
C LEU A 375 0.76 37.05 2.07
N TYR A 376 1.27 36.02 1.40
CA TYR A 376 2.72 35.75 1.41
C TYR A 376 3.47 36.91 0.79
N LEU A 377 3.05 37.34 -0.41
CA LEU A 377 3.68 38.51 -1.02
C LEU A 377 3.52 39.74 -0.14
N MET A 378 2.34 39.96 0.44
CA MET A 378 2.13 41.08 1.34
C MET A 378 3.20 41.12 2.44
N HIS A 379 3.39 40.01 3.14
CA HIS A 379 4.36 40.01 4.22
C HIS A 379 5.78 40.11 3.71
N GLN A 380 6.04 39.57 2.53
CA GLN A 380 7.37 39.63 1.95
C GLN A 380 7.78 41.08 1.61
N ILE A 381 6.81 41.93 1.21
CA ILE A 381 7.14 43.28 0.76
C ILE A 381 6.97 44.33 1.85
N GLY A 382 6.52 43.96 3.04
CA GLY A 382 6.38 44.90 4.13
C GLY A 382 4.97 45.35 4.41
N TYR A 383 3.97 44.88 3.62
CA TYR A 383 2.54 45.09 3.84
C TYR A 383 1.98 44.23 4.97
N GLY A 384 2.85 43.53 5.73
CA GLY A 384 2.37 42.56 6.70
C GLY A 384 1.31 43.08 7.66
N GLU A 385 1.35 44.36 8.01
CA GLU A 385 0.45 44.89 9.03
C GLU A 385 -0.57 45.88 8.49
N ARG A 386 -0.73 45.97 7.17
CA ARG A 386 -1.79 46.81 6.64
C ARG A 386 -3.14 46.31 7.14
N LYS A 387 -3.93 47.21 7.71
CA LYS A 387 -5.23 46.83 8.26
C LYS A 387 -6.12 46.15 7.22
N GLU A 388 -6.00 46.54 5.94
CA GLU A 388 -6.90 46.00 4.92
C GLU A 388 -6.76 44.49 4.72
N LEU A 389 -5.70 43.89 5.24
CA LEU A 389 -5.54 42.45 5.13
C LEU A 389 -6.36 41.65 6.15
N LYS A 390 -6.94 42.29 7.17
CA LYS A 390 -7.42 41.53 8.34
C LYS A 390 -8.43 40.46 7.94
N GLU A 391 -9.42 40.81 7.09
CA GLU A 391 -10.48 39.87 6.76
C GLU A 391 -9.97 38.70 5.94
N THR A 392 -9.14 38.97 4.92
CA THR A 392 -8.48 37.90 4.19
C THR A 392 -7.79 36.94 5.14
N GLU A 393 -7.02 37.47 6.09
CA GLU A 393 -6.30 36.61 7.01
C GLU A 393 -7.25 35.83 7.89
N ALA A 394 -8.38 36.43 8.26
CA ALA A 394 -9.38 35.72 9.05
C ALA A 394 -10.08 34.66 8.21
N PHE A 395 -10.36 34.97 6.94
CA PHE A 395 -10.88 33.98 6.02
C PHE A 395 -10.02 32.72 6.04
N VAL A 396 -8.70 32.88 5.88
CA VAL A 396 -7.82 31.73 5.80
C VAL A 396 -7.81 30.98 7.13
N PHE A 397 -7.72 31.71 8.23
CA PHE A 397 -7.66 31.10 9.56
C PHE A 397 -8.90 30.28 9.86
N ASP A 398 -10.09 30.83 9.56
CA ASP A 398 -11.32 30.07 9.78
C ASP A 398 -11.36 28.87 8.86
N PHE A 399 -11.04 29.09 7.58
CA PHE A 399 -10.98 27.99 6.63
C PHE A 399 -10.21 26.81 7.18
N LEU A 400 -9.15 27.07 7.96
CA LEU A 400 -8.40 26.00 8.62
C LEU A 400 -9.12 25.49 9.86
N ILE A 401 -9.55 26.39 10.75
CA ILE A 401 -10.03 25.95 12.04
C ILE A 401 -11.38 25.23 11.90
N SER A 402 -12.23 25.74 11.03
CA SER A 402 -13.51 25.10 10.78
C SER A 402 -13.37 23.75 10.11
N LYS A 403 -12.17 23.41 9.64
CA LYS A 403 -11.97 22.20 8.87
C LYS A 403 -12.66 22.29 7.51
N GLU A 404 -13.10 23.49 7.12
CA GLU A 404 -13.67 23.67 5.77
C GLU A 404 -12.70 23.21 4.68
N TYR A 405 -11.39 23.34 4.92
CA TYR A 405 -10.42 22.98 3.90
C TYR A 405 -10.48 21.49 3.52
N LEU A 406 -11.12 20.64 4.33
CA LEU A 406 -11.26 19.25 3.94
C LEU A 406 -12.13 19.08 2.70
N LYS A 407 -12.90 20.08 2.34
CA LYS A 407 -13.67 20.07 1.12
C LYS A 407 -12.89 20.62 -0.06
N GLY A 408 -11.60 20.95 0.12
CA GLY A 408 -10.78 21.57 -0.92
C GLY A 408 -11.05 23.07 -1.03
N THR A 409 -10.35 23.72 -1.95
CA THR A 409 -10.63 25.12 -2.27
C THR A 409 -11.31 25.18 -3.63
N ARG A 410 -11.67 26.38 -4.06
CA ARG A 410 -12.34 26.49 -5.35
C ARG A 410 -11.51 25.86 -6.47
N TYR A 411 -10.21 26.17 -6.53
CA TYR A 411 -9.35 25.74 -7.64
C TYR A 411 -8.37 24.64 -7.28
N TYR A 412 -8.24 24.27 -6.01
CA TYR A 412 -7.42 23.13 -5.60
C TYR A 412 -8.28 22.17 -4.77
N PRO A 413 -8.59 20.99 -5.28
CA PRO A 413 -9.45 20.08 -4.50
C PRO A 413 -8.74 19.34 -3.39
N ALA A 414 -7.43 19.19 -3.38
CA ALA A 414 -6.80 18.32 -2.38
C ALA A 414 -6.55 19.08 -1.07
N PRO A 415 -7.16 18.64 0.04
CA PRO A 415 -6.93 19.33 1.32
C PRO A 415 -5.46 19.61 1.66
N ASP A 416 -4.55 18.67 1.43
CA ASP A 416 -3.17 18.89 1.82
C ASP A 416 -2.52 20.04 1.05
N VAL A 417 -3.01 20.37 -0.15
CA VAL A 417 -2.40 21.48 -0.87
C VAL A 417 -2.61 22.77 -0.07
N PHE A 418 -3.80 22.95 0.50
CA PHE A 418 -4.06 24.11 1.34
C PHE A 418 -3.14 24.12 2.56
N LEU A 419 -3.09 23.01 3.28
CA LEU A 419 -2.19 22.91 4.43
C LEU A 419 -0.76 23.21 4.03
N PHE A 420 -0.34 22.78 2.85
CA PHE A 420 1.06 22.95 2.44
C PHE A 420 1.38 24.41 2.12
N PHE A 421 0.51 25.09 1.37
CA PHE A 421 0.79 26.48 1.05
C PHE A 421 0.61 27.37 2.25
N LEU A 422 -0.35 27.06 3.12
CA LEU A 422 -0.45 27.72 4.40
C LEU A 422 0.84 27.57 5.20
N SER A 423 1.51 26.42 5.08
CA SER A 423 2.70 26.17 5.88
C SER A 423 3.88 27.00 5.41
N ARG A 424 3.94 27.38 4.13
CA ARG A 424 4.95 28.35 3.70
C ARG A 424 4.73 29.68 4.42
N LEU A 425 3.49 30.18 4.40
CA LEU A 425 3.20 31.46 5.02
C LEU A 425 3.50 31.44 6.51
N VAL A 426 2.94 30.45 7.23
CA VAL A 426 3.03 30.39 8.68
C VAL A 426 4.46 30.22 9.14
N VAL A 427 5.27 29.51 8.37
CA VAL A 427 6.62 29.24 8.84
C VAL A 427 7.60 30.32 8.39
N ASP A 428 7.33 30.98 7.25
CA ASP A 428 8.22 32.03 6.78
C ASP A 428 8.02 33.37 7.48
N PHE A 429 6.86 33.61 8.06
CA PHE A 429 6.58 34.84 8.79
C PHE A 429 5.98 34.45 10.13
N PRO A 430 6.79 33.82 10.99
CA PRO A 430 6.24 33.19 12.21
C PRO A 430 5.69 34.16 13.24
N ASP A 431 6.30 35.34 13.42
CA ASP A 431 5.78 36.28 14.42
C ASP A 431 4.37 36.71 14.08
N GLN A 432 4.06 36.86 12.79
CA GLN A 432 2.75 37.32 12.36
C GLN A 432 1.71 36.21 12.24
N PHE A 433 2.09 34.94 12.43
CA PHE A 433 1.16 33.83 12.24
C PHE A 433 1.19 32.81 13.38
N GLU A 434 1.71 33.21 14.55
CA GLU A 434 1.77 32.29 15.68
C GLU A 434 0.46 31.56 15.92
N LYS A 435 -0.67 32.24 15.80
CA LYS A 435 -1.89 31.53 16.17
C LYS A 435 -2.29 30.47 15.14
N PHE A 436 -1.63 30.43 13.97
CA PHE A 436 -1.85 29.39 12.96
C PHE A 436 -1.05 28.11 13.23
N HIS A 437 0.05 28.23 13.95
CA HIS A 437 1.06 27.18 13.94
C HIS A 437 0.55 25.88 14.54
N LYS A 438 0.00 25.93 15.76
CA LYS A 438 -0.51 24.70 16.38
C LYS A 438 -1.63 24.06 15.59
N PRO A 439 -2.73 24.75 15.29
CA PRO A 439 -3.81 24.10 14.53
C PRO A 439 -3.34 23.55 13.20
N LEU A 440 -2.41 24.25 12.54
CA LEU A 440 -1.88 23.73 11.28
C LEU A 440 -1.14 22.42 11.52
N THR A 441 -0.17 22.42 12.44
CA THR A 441 0.59 21.21 12.73
C THR A 441 -0.32 20.09 13.17
N GLU A 442 -1.26 20.40 14.06
CA GLU A 442 -2.22 19.41 14.53
C GLU A 442 -2.96 18.75 13.37
N MET A 443 -3.52 19.57 12.46
CA MET A 443 -4.26 19.02 11.33
C MET A 443 -3.37 18.10 10.51
N LEU A 444 -2.15 18.56 10.23
CA LEU A 444 -1.21 17.77 9.45
C LEU A 444 -0.89 16.45 10.13
N ILE A 445 -0.78 16.44 11.46
CA ILE A 445 -0.45 15.20 12.14
C ILE A 445 -1.53 14.16 11.90
N THR A 446 -2.79 14.57 11.94
CA THR A 446 -3.89 13.65 11.73
C THR A 446 -4.07 13.21 10.29
N ARG A 447 -3.24 13.69 9.36
CA ARG A 447 -3.40 13.38 7.95
C ARG A 447 -2.23 12.60 7.40
N VAL A 448 -1.20 12.37 8.20
CA VAL A 448 -0.11 11.48 7.84
C VAL A 448 -0.68 10.21 7.25
N ASN A 449 -0.27 9.90 6.03
CA ASN A 449 -0.59 8.64 5.39
C ASN A 449 -2.09 8.50 5.11
N CYS A 450 -2.80 9.60 4.93
CA CYS A 450 -4.25 9.53 4.74
C CYS A 450 -4.64 9.46 3.28
N SER A 451 -3.68 9.35 2.37
CA SER A 451 -3.97 9.38 0.96
C SER A 451 -2.75 8.82 0.27
N THR A 452 -2.94 8.29 -0.94
CA THR A 452 -1.87 7.57 -1.61
C THR A 452 -1.11 8.40 -2.63
N PHE A 453 -1.73 9.45 -3.13
CA PHE A 453 -1.13 10.19 -4.22
C PHE A 453 0.25 10.66 -3.83
N PRO A 454 1.30 10.34 -4.61
CA PRO A 454 2.65 10.78 -4.21
C PRO A 454 2.75 12.27 -3.91
N LEU A 455 2.22 13.14 -4.76
CA LEU A 455 2.39 14.57 -4.53
C LEU A 455 1.78 14.96 -3.19
N GLU A 456 0.64 14.37 -2.84
CA GLU A 456 0.03 14.65 -1.54
C GLU A 456 0.92 14.16 -0.40
N ARG A 457 1.53 12.97 -0.54
CA ARG A 457 2.48 12.53 0.47
C ARG A 457 3.65 13.51 0.56
N ALA A 458 4.12 14.00 -0.59
CA ALA A 458 5.23 14.95 -0.61
C ALA A 458 4.88 16.23 0.17
N LEU A 459 3.67 16.76 -0.04
CA LEU A 459 3.28 18.00 0.62
C LEU A 459 3.23 17.84 2.13
N ARG A 460 2.65 16.73 2.61
CA ARG A 460 2.61 16.47 4.04
C ARG A 460 4.01 16.29 4.63
N ILE A 461 4.95 15.71 3.87
CA ILE A 461 6.30 15.55 4.39
C ILE A 461 6.99 16.89 4.54
N ILE A 462 6.91 17.73 3.50
CA ILE A 462 7.52 19.05 3.56
C ILE A 462 6.88 19.89 4.66
N ALA A 463 5.55 20.02 4.65
CA ALA A 463 4.93 20.90 5.63
C ALA A 463 5.27 20.49 7.06
N LEU A 464 5.21 19.18 7.37
CA LEU A 464 5.51 18.76 8.74
C LEU A 464 6.96 19.00 9.08
N LYS A 465 7.87 18.78 8.14
CA LYS A 465 9.27 19.05 8.45
C LYS A 465 9.47 20.52 8.76
N LYS A 466 8.92 21.40 7.92
CA LYS A 466 9.00 22.83 8.17
C LYS A 466 8.42 23.21 9.52
N LEU A 467 7.52 22.40 10.08
CA LEU A 467 6.95 22.64 11.38
C LEU A 467 7.60 21.81 12.48
N GLY A 468 8.74 21.19 12.21
CA GLY A 468 9.47 20.48 13.24
C GLY A 468 8.99 19.09 13.53
N ILE A 469 8.54 18.35 12.52
CA ILE A 469 8.05 17.00 12.73
C ILE A 469 8.47 16.12 11.56
N VAL A 470 9.21 15.04 11.85
CA VAL A 470 9.67 14.10 10.84
C VAL A 470 8.56 13.09 10.54
N ASN A 471 8.00 13.15 9.33
CA ASN A 471 6.95 12.23 8.84
C ASN A 471 7.61 11.26 7.86
N ARG A 472 8.03 10.11 8.38
CA ARG A 472 8.75 9.11 7.59
C ARG A 472 7.81 8.07 7.00
N VAL A 473 6.63 7.88 7.61
CA VAL A 473 5.61 7.00 7.04
C VAL A 473 5.35 7.38 5.58
N ASP A 474 4.94 8.63 5.35
CA ASP A 474 4.67 9.11 4.00
C ASP A 474 5.94 9.09 3.15
N PHE A 475 7.10 9.27 3.77
CA PHE A 475 8.35 9.23 3.01
C PHE A 475 8.55 7.87 2.37
N LEU A 476 8.53 6.82 3.19
CA LEU A 476 8.78 5.47 2.67
C LEU A 476 7.79 5.11 1.56
N LYS A 477 6.51 5.41 1.75
CA LYS A 477 5.54 5.05 0.71
C LYS A 477 5.71 5.91 -0.53
N LEU A 478 6.25 7.12 -0.37
CA LEU A 478 6.59 7.96 -1.51
C LEU A 478 7.68 7.32 -2.37
N LEU A 479 8.73 6.80 -1.73
CA LEU A 479 9.81 6.15 -2.45
C LEU A 479 9.32 5.00 -3.30
N ASP A 480 8.16 4.44 -2.99
CA ASP A 480 7.66 3.24 -3.64
C ASP A 480 6.87 3.53 -4.90
N THR A 481 6.47 4.76 -5.13
CA THR A 481 5.71 5.10 -6.32
C THR A 481 6.52 5.80 -7.40
N GLN A 482 7.82 5.97 -7.21
CA GLN A 482 8.66 6.40 -8.32
C GLN A 482 8.59 5.34 -9.42
N LEU A 483 8.42 5.79 -10.67
CA LEU A 483 8.47 4.89 -11.81
C LEU A 483 9.93 4.66 -12.19
N ALA A 484 10.16 3.72 -13.11
CA ALA A 484 11.53 3.29 -13.40
C ALA A 484 12.34 4.30 -14.20
N ASP A 485 11.71 5.31 -14.81
CA ASP A 485 12.46 6.39 -15.45
C ASP A 485 12.83 7.51 -14.47
N GLY A 486 12.58 7.33 -13.18
CA GLY A 486 12.92 8.31 -12.17
C GLY A 486 11.83 9.30 -11.85
N GLY A 487 10.84 9.49 -12.74
CA GLY A 487 9.74 10.38 -12.46
C GLY A 487 8.61 9.72 -11.65
N TRP A 488 7.81 10.54 -10.99
CA TRP A 488 6.60 10.06 -10.34
C TRP A 488 5.40 10.26 -11.27
N PRO A 489 4.27 9.61 -10.99
CA PRO A 489 3.13 9.73 -11.92
C PRO A 489 2.63 11.16 -11.98
N VAL A 490 1.98 11.50 -13.11
CA VAL A 490 1.32 12.79 -13.21
C VAL A 490 0.29 12.95 -12.07
N TYR A 491 -0.09 14.21 -11.81
CA TYR A 491 -1.04 14.54 -10.74
C TYR A 491 -1.70 15.86 -11.06
N GLY A 492 -3.01 15.93 -10.83
CA GLY A 492 -3.78 17.13 -11.12
C GLY A 492 -3.85 18.09 -9.95
N LEU A 493 -2.97 19.09 -9.94
CA LEU A 493 -2.85 20.00 -8.79
C LEU A 493 -4.02 20.96 -8.70
N PHE A 494 -4.52 21.47 -9.82
CA PHE A 494 -5.56 22.49 -9.79
C PHE A 494 -6.50 22.28 -10.96
N ILE A 495 -7.68 22.88 -10.86
CA ILE A 495 -8.77 22.62 -11.80
C ILE A 495 -9.39 23.93 -12.25
N ALA A 496 -9.90 23.91 -13.50
CA ALA A 496 -10.97 24.84 -13.83
C ALA A 496 -12.29 24.30 -13.28
N PRO A 497 -12.83 24.86 -12.20
CA PRO A 497 -13.93 24.16 -11.50
C PRO A 497 -15.19 23.97 -12.32
N ARG A 498 -15.53 24.91 -13.21
CA ARG A 498 -16.82 24.81 -13.90
C ARG A 498 -16.83 23.67 -14.91
N SER A 499 -15.72 23.45 -15.63
CA SER A 499 -15.60 22.29 -16.51
C SER A 499 -14.98 21.10 -15.80
N ASN A 500 -14.66 21.22 -14.52
CA ASN A 500 -13.98 20.17 -13.76
C ASN A 500 -12.78 19.61 -14.54
N THR A 501 -11.96 20.52 -15.08
CA THR A 501 -10.71 20.14 -15.77
C THR A 501 -9.50 20.23 -14.83
N TYR A 502 -8.78 19.11 -14.72
CA TYR A 502 -7.57 19.01 -13.91
C TYR A 502 -6.35 19.34 -14.75
N PHE A 503 -5.36 19.98 -14.13
CA PHE A 503 -4.09 20.29 -14.78
C PHE A 503 -2.96 19.64 -13.99
N GLY A 504 -1.93 19.17 -14.67
CA GLY A 504 -0.87 18.53 -13.91
C GLY A 504 0.19 17.99 -14.83
N SER A 505 1.27 17.54 -14.22
CA SER A 505 2.38 17.00 -14.96
C SER A 505 3.12 16.03 -14.06
N ARG A 506 4.01 15.25 -14.68
CA ARG A 506 4.98 14.50 -13.92
C ARG A 506 6.04 15.41 -13.35
N GLU A 507 6.24 16.58 -13.97
CA GLU A 507 7.21 17.54 -13.44
C GLU A 507 6.77 18.04 -12.08
N LEU A 508 5.50 18.46 -11.96
CA LEU A 508 4.98 18.87 -10.66
C LEU A 508 5.16 17.75 -9.62
N SER A 509 4.66 16.56 -9.93
CA SER A 509 4.80 15.44 -8.99
C SER A 509 6.26 15.19 -8.66
N THR A 510 7.13 15.18 -9.67
CA THR A 510 8.52 14.81 -9.40
C THR A 510 9.25 15.91 -8.65
N ALA A 511 8.94 17.17 -8.95
CA ALA A 511 9.53 18.30 -8.23
C ALA A 511 9.27 18.18 -6.72
N PHE A 512 8.00 18.05 -6.35
CA PHE A 512 7.63 17.96 -4.94
C PHE A 512 8.20 16.71 -4.27
N ALA A 513 8.11 15.57 -4.94
CA ALA A 513 8.65 14.34 -4.34
C ALA A 513 10.12 14.50 -4.02
N LEU A 514 10.87 15.18 -4.90
CA LEU A 514 12.30 15.38 -4.67
C LEU A 514 12.57 16.36 -3.53
N GLU A 515 11.77 17.43 -3.44
CA GLU A 515 11.89 18.35 -2.31
C GLU A 515 11.61 17.62 -1.00
N ALA A 516 10.59 16.74 -0.98
CA ALA A 516 10.33 15.92 0.18
C ALA A 516 11.53 15.02 0.51
N LEU A 517 12.17 14.45 -0.50
CA LEU A 517 13.36 13.63 -0.22
C LEU A 517 14.48 14.49 0.32
N HIS A 518 14.64 15.69 -0.25
CA HIS A 518 15.68 16.61 0.19
C HIS A 518 15.47 17.07 1.64
N ILE A 519 14.24 17.48 1.98
CA ILE A 519 14.02 18.09 3.28
C ILE A 519 14.21 17.11 4.42
N LEU A 520 14.09 15.80 4.18
CA LEU A 520 14.34 14.77 5.20
C LEU A 520 15.72 14.16 5.11
N SER A 521 16.56 14.62 4.19
CA SER A 521 17.89 14.03 4.04
C SER A 521 18.80 14.49 5.17
N SER B 2 37.88 -18.46 -25.84
CA SER B 2 37.42 -19.26 -24.71
C SER B 2 35.90 -19.20 -24.54
N HIS B 3 35.24 -18.34 -25.32
CA HIS B 3 33.79 -18.22 -25.28
C HIS B 3 33.13 -19.53 -25.69
N LEU B 4 32.14 -19.95 -24.91
CA LEU B 4 31.57 -21.28 -25.07
C LEU B 4 30.83 -21.37 -26.40
N THR B 5 31.20 -22.35 -27.23
CA THR B 5 30.61 -22.46 -28.56
C THR B 5 29.28 -23.19 -28.50
N PRO B 6 28.16 -22.54 -28.86
CA PRO B 6 26.87 -23.23 -28.82
C PRO B 6 26.73 -24.21 -29.98
N GLU B 7 26.19 -25.39 -29.68
CA GLU B 7 25.86 -26.35 -30.73
C GLU B 7 24.63 -25.87 -31.50
N LEU B 8 24.73 -25.83 -32.83
CA LEU B 8 23.60 -25.41 -33.65
C LEU B 8 22.69 -26.58 -33.93
N ILE B 9 21.41 -26.28 -34.10
CA ILE B 9 20.43 -27.32 -34.30
C ILE B 9 19.48 -26.87 -35.40
N THR B 10 19.28 -27.74 -36.39
CA THR B 10 18.43 -27.42 -37.53
C THR B 10 17.58 -28.62 -37.91
N SER B 11 17.58 -29.68 -37.12
CA SER B 11 16.75 -30.85 -37.38
C SER B 11 15.88 -31.12 -36.16
N LEU B 12 14.60 -31.37 -36.41
CA LEU B 12 13.70 -31.75 -35.33
C LEU B 12 14.19 -33.00 -34.62
N GLN B 13 14.84 -33.92 -35.33
CA GLN B 13 15.42 -35.08 -34.66
C GLN B 13 16.45 -34.63 -33.64
N GLU B 14 17.36 -33.74 -34.04
CA GLU B 14 18.32 -33.14 -33.11
C GLU B 14 17.61 -32.51 -31.92
N LEU B 15 16.77 -31.49 -32.19
CA LEU B 15 16.01 -30.83 -31.14
C LEU B 15 15.40 -31.85 -30.20
N SER B 16 14.93 -32.97 -30.73
CA SER B 16 14.16 -33.91 -29.93
C SER B 16 15.06 -34.68 -28.98
N GLN B 17 16.22 -35.12 -29.46
CA GLN B 17 17.14 -35.86 -28.60
C GLN B 17 17.71 -34.96 -27.50
N ILE B 18 18.07 -33.73 -27.86
CA ILE B 18 18.53 -32.76 -26.86
C ILE B 18 17.47 -32.55 -25.79
N LEU B 19 16.26 -32.18 -26.19
CA LEU B 19 15.23 -31.93 -25.20
C LEU B 19 14.99 -33.15 -24.33
N ASP B 20 15.12 -34.36 -24.88
CA ASP B 20 14.79 -35.53 -24.07
C ASP B 20 15.78 -35.74 -22.94
N ARG B 21 16.95 -35.13 -23.01
CA ARG B 21 17.98 -35.29 -22.00
C ARG B 21 17.70 -34.53 -20.70
N TYR B 22 16.58 -33.81 -20.58
CA TYR B 22 16.31 -33.00 -19.40
C TYR B 22 14.96 -33.40 -18.79
N ASP B 23 14.88 -33.32 -17.46
CA ASP B 23 13.60 -33.55 -16.81
C ASP B 23 12.71 -32.34 -16.87
N THR B 24 13.31 -31.15 -16.89
CA THR B 24 12.59 -29.91 -16.70
C THR B 24 12.93 -28.97 -17.83
N ILE B 25 11.89 -28.43 -18.46
CA ILE B 25 12.03 -27.49 -19.56
C ILE B 25 11.33 -26.20 -19.15
N VAL B 26 11.98 -25.07 -19.37
CA VAL B 26 11.40 -23.76 -19.09
C VAL B 26 11.24 -23.03 -20.42
N PHE B 27 10.00 -22.69 -20.75
CA PHE B 27 9.67 -21.84 -21.89
C PHE B 27 9.46 -20.42 -21.39
N ASP B 28 9.84 -19.45 -22.22
CA ASP B 28 9.29 -18.10 -22.12
C ASP B 28 8.20 -17.97 -23.17
N LEU B 29 7.16 -17.19 -22.85
CA LEU B 29 6.03 -17.03 -23.77
C LEU B 29 6.46 -16.38 -25.09
N GLY B 30 6.99 -15.17 -25.02
CA GLY B 30 7.26 -14.36 -26.20
C GLY B 30 8.18 -14.99 -27.22
N ASP B 31 7.75 -14.95 -28.48
CA ASP B 31 8.46 -15.51 -29.64
C ASP B 31 8.42 -17.03 -29.66
N VAL B 32 8.92 -17.68 -28.59
CA VAL B 32 8.92 -19.14 -28.58
C VAL B 32 7.52 -19.67 -28.77
N LEU B 33 6.58 -19.25 -27.93
CA LEU B 33 5.23 -19.76 -28.01
C LEU B 33 4.21 -18.81 -28.62
N LEU B 34 4.53 -17.52 -28.78
CA LEU B 34 3.60 -16.54 -29.32
C LEU B 34 4.34 -15.58 -30.25
N HIS B 35 3.56 -14.91 -31.11
CA HIS B 35 4.08 -13.85 -31.94
C HIS B 35 2.97 -12.87 -32.24
N TRP B 36 3.35 -11.66 -32.67
CA TRP B 36 2.39 -10.57 -32.84
C TRP B 36 3.07 -9.50 -33.68
N ASP B 37 2.26 -8.58 -34.19
CA ASP B 37 2.75 -7.46 -35.00
C ASP B 37 2.86 -6.22 -34.12
N SER B 38 4.07 -5.67 -34.01
CA SER B 38 4.26 -4.51 -33.15
C SER B 38 3.89 -3.21 -33.88
N VAL B 39 4.34 -3.04 -35.12
CA VAL B 39 3.98 -1.83 -35.84
C VAL B 39 2.50 -1.85 -36.16
N HIS B 40 1.87 -0.69 -36.02
CA HIS B 40 0.42 -0.57 -36.15
C HIS B 40 0.10 0.90 -36.36
N PHE B 41 -0.26 1.26 -37.59
CA PHE B 41 -0.66 2.63 -37.89
C PHE B 41 -2.16 2.78 -37.69
N THR B 42 -2.54 3.92 -37.11
CA THR B 42 -3.93 4.31 -36.92
C THR B 42 -4.18 5.62 -37.65
N SER B 43 -5.33 6.25 -37.37
CA SER B 43 -5.66 7.54 -37.94
C SER B 43 -5.01 8.72 -37.20
N GLU B 44 -3.99 8.44 -36.36
CA GLU B 44 -3.23 9.45 -35.61
C GLU B 44 -1.83 9.54 -36.21
N THR B 45 -1.57 10.61 -36.95
CA THR B 45 -0.25 10.74 -37.58
C THR B 45 0.82 11.08 -36.56
N LYS B 46 0.49 11.92 -35.57
CA LYS B 46 1.48 12.41 -34.63
C LYS B 46 1.73 11.41 -33.51
N GLY B 47 3.00 11.24 -33.17
CA GLY B 47 3.42 10.27 -32.18
C GLY B 47 4.29 9.20 -32.79
N ILE B 48 4.49 8.14 -32.02
CA ILE B 48 5.25 6.97 -32.44
C ILE B 48 4.34 6.03 -33.24
N ASP B 49 4.95 5.05 -33.94
CA ASP B 49 4.18 4.04 -34.67
C ASP B 49 4.51 2.61 -34.28
N ASP B 50 5.57 2.38 -33.52
CA ASP B 50 6.00 1.04 -33.14
C ASP B 50 5.78 0.84 -31.65
N VAL B 51 4.86 -0.05 -31.29
CA VAL B 51 4.62 -0.45 -29.92
C VAL B 51 5.94 -0.81 -29.24
N ARG B 52 6.97 -1.13 -30.02
CA ARG B 52 8.28 -1.42 -29.45
C ARG B 52 8.81 -0.26 -28.63
N LYS B 53 8.50 0.98 -29.01
CA LYS B 53 8.92 2.12 -28.20
C LYS B 53 8.32 2.04 -26.79
N MET B 54 7.03 1.67 -26.70
CA MET B 54 6.42 1.45 -25.39
C MET B 54 7.12 0.34 -24.62
N VAL B 55 7.24 -0.85 -25.22
CA VAL B 55 7.79 -2.00 -24.51
C VAL B 55 9.26 -1.82 -24.14
N LYS B 56 9.99 -0.93 -24.82
CA LYS B 56 11.38 -0.65 -24.47
C LYS B 56 11.52 0.41 -23.38
N HIS B 57 10.45 1.08 -23.02
CA HIS B 57 10.59 2.17 -22.08
C HIS B 57 10.66 1.66 -20.64
N PRO B 58 11.54 2.22 -19.81
CA PRO B 58 11.61 1.78 -18.40
C PRO B 58 10.26 1.72 -17.70
N VAL B 59 9.33 2.63 -18.00
CA VAL B 59 8.02 2.52 -17.37
C VAL B 59 7.41 1.15 -17.64
N TRP B 60 7.81 0.49 -18.74
CA TRP B 60 7.22 -0.80 -19.05
C TRP B 60 7.62 -1.84 -18.00
N GLN B 61 8.85 -1.76 -17.50
CA GLN B 61 9.24 -2.59 -16.36
C GLN B 61 8.29 -2.44 -15.18
N ASP B 62 7.74 -1.26 -14.98
CA ASP B 62 6.80 -1.12 -13.87
C ASP B 62 5.50 -1.83 -14.17
N LEU B 63 5.06 -1.79 -15.42
CA LEU B 63 3.87 -2.54 -15.83
C LEU B 63 4.09 -4.04 -15.68
N GLU B 64 5.23 -4.54 -16.19
CA GLU B 64 5.47 -5.98 -16.15
C GLU B 64 5.48 -6.50 -14.71
N LYS B 65 6.07 -5.73 -13.80
CA LYS B 65 6.18 -6.15 -12.40
C LYS B 65 4.89 -5.98 -11.64
N GLY B 66 3.84 -5.49 -12.30
CA GLY B 66 2.57 -5.32 -11.64
C GLY B 66 2.49 -4.10 -10.76
N LEU B 67 3.55 -3.28 -10.70
CA LEU B 67 3.50 -2.05 -9.91
C LEU B 67 2.44 -1.11 -10.41
N ILE B 68 2.20 -1.06 -11.71
CA ILE B 68 1.19 -0.18 -12.29
C ILE B 68 0.36 -0.97 -13.28
N ASN B 69 -0.79 -0.42 -13.63
CA ASN B 69 -1.63 -1.04 -14.63
C ASN B 69 -1.46 -0.36 -15.99
N GLN B 70 -2.24 -0.83 -16.95
CA GLN B 70 -2.04 -0.41 -18.34
C GLN B 70 -2.49 1.03 -18.55
N GLU B 71 -3.59 1.41 -17.88
CA GLU B 71 -4.03 2.81 -17.87
C GLU B 71 -2.91 3.73 -17.39
N PHE B 72 -2.32 3.40 -16.24
CA PHE B 72 -1.18 4.17 -15.71
C PHE B 72 0.00 4.17 -16.67
N ALA B 73 0.43 2.98 -17.10
CA ALA B 73 1.56 2.90 -18.02
C ALA B 73 1.32 3.76 -19.25
N LEU B 74 0.10 3.71 -19.79
CA LEU B 74 -0.19 4.46 -21.01
C LEU B 74 -0.23 5.96 -20.75
N THR B 75 -0.64 6.36 -19.53
CA THR B 75 -0.66 7.78 -19.22
C THR B 75 0.75 8.33 -19.13
N ALA B 76 1.66 7.59 -18.50
CA ALA B 76 3.04 8.05 -18.40
C ALA B 76 3.73 8.00 -19.76
N LEU B 77 3.40 6.99 -20.56
CA LEU B 77 4.06 6.86 -21.86
C LEU B 77 3.57 7.91 -22.84
N SER B 78 2.29 8.30 -22.77
CA SER B 78 1.82 9.37 -23.66
C SER B 78 2.60 10.65 -23.43
N CYS B 79 3.01 10.88 -22.19
CA CYS B 79 3.91 11.99 -21.90
C CYS B 79 5.33 11.70 -22.38
N GLU B 80 5.94 10.64 -21.88
CA GLU B 80 7.34 10.39 -22.23
C GLU B 80 7.53 10.24 -23.73
N LEU B 81 6.61 9.55 -24.40
CA LEU B 81 6.72 9.26 -25.82
C LEU B 81 6.08 10.34 -26.71
N GLU B 82 5.46 11.35 -26.10
CA GLU B 82 4.87 12.48 -26.84
C GLU B 82 3.87 11.98 -27.89
N THR B 83 3.02 11.04 -27.49
CA THR B 83 2.04 10.43 -28.36
C THR B 83 0.69 10.44 -27.65
N PRO B 84 -0.38 10.88 -28.31
CA PRO B 84 -1.70 10.85 -27.65
C PRO B 84 -1.94 9.47 -27.06
N CYS B 85 -2.40 9.46 -25.80
CA CYS B 85 -2.58 8.18 -25.12
C CYS B 85 -3.62 7.32 -25.81
N SER B 86 -4.58 7.94 -26.52
CA SER B 86 -5.56 7.14 -27.25
C SER B 86 -4.93 6.41 -28.43
N LYS B 87 -3.86 6.95 -29.00
CA LYS B 87 -3.17 6.23 -30.06
C LYS B 87 -2.40 5.05 -29.50
N LEU B 88 -1.68 5.25 -28.39
CA LEU B 88 -0.97 4.13 -27.77
C LEU B 88 -1.94 3.04 -27.36
N LYS B 89 -3.07 3.41 -26.76
CA LYS B 89 -4.06 2.39 -26.41
C LYS B 89 -4.48 1.62 -27.65
N GLU B 90 -4.79 2.34 -28.73
CA GLU B 90 -5.08 1.72 -30.02
C GLU B 90 -3.96 0.77 -30.45
N MET B 91 -2.73 1.29 -30.57
CA MET B 91 -1.60 0.47 -30.99
C MET B 91 -1.49 -0.80 -30.17
N LEU B 92 -1.59 -0.66 -28.84
CA LEU B 92 -1.45 -1.80 -27.95
C LEU B 92 -2.57 -2.82 -28.18
N GLU B 93 -3.79 -2.34 -28.42
CA GLU B 93 -4.89 -3.25 -28.69
C GLU B 93 -4.70 -4.00 -30.01
N LEU B 94 -4.35 -3.28 -31.08
CA LEU B 94 -4.11 -3.96 -32.35
C LEU B 94 -3.03 -5.02 -32.21
N SER B 95 -1.97 -4.72 -31.45
CA SER B 95 -0.91 -5.71 -31.28
C SER B 95 -1.43 -6.94 -30.55
N ILE B 96 -2.27 -6.74 -29.54
CA ILE B 96 -2.81 -7.86 -28.79
C ILE B 96 -3.73 -8.70 -29.70
N ALA B 97 -4.48 -8.04 -30.56
CA ALA B 97 -5.39 -8.76 -31.44
C ALA B 97 -4.63 -9.59 -32.46
N SER B 98 -3.41 -9.19 -32.80
CA SER B 98 -2.64 -9.94 -33.78
C SER B 98 -1.91 -11.13 -33.18
N LEU B 99 -1.96 -11.33 -31.86
CA LEU B 99 -1.23 -12.43 -31.23
C LEU B 99 -1.73 -13.77 -31.72
N GLN B 100 -0.79 -14.66 -32.01
CA GLN B 100 -1.08 -16.02 -32.43
C GLN B 100 -0.02 -16.94 -31.84
N VAL B 101 -0.37 -18.22 -31.75
CA VAL B 101 0.61 -19.18 -31.26
C VAL B 101 1.73 -19.35 -32.29
N ASN B 102 2.86 -19.78 -31.79
CA ASN B 102 3.90 -20.35 -32.63
C ASN B 102 3.54 -21.81 -32.84
N PRO B 103 3.06 -22.21 -34.03
CA PRO B 103 2.48 -23.57 -34.19
C PRO B 103 3.49 -24.67 -33.97
N LEU B 104 4.74 -24.48 -34.41
CA LEU B 104 5.74 -25.51 -34.21
C LEU B 104 6.02 -25.71 -32.72
N MET B 105 6.30 -24.62 -31.99
CA MET B 105 6.76 -24.78 -30.61
C MET B 105 5.63 -25.19 -29.67
N VAL B 106 4.40 -24.77 -29.96
CA VAL B 106 3.27 -25.25 -29.16
C VAL B 106 3.15 -26.76 -29.26
N GLU B 107 3.48 -27.32 -30.43
CA GLU B 107 3.49 -28.76 -30.61
C GLU B 107 4.61 -29.42 -29.81
N VAL B 108 5.83 -28.88 -29.89
CA VAL B 108 6.90 -29.31 -29.01
C VAL B 108 6.41 -29.34 -27.56
N LEU B 109 5.82 -28.23 -27.13
CA LEU B 109 5.30 -28.12 -25.77
C LEU B 109 4.29 -29.23 -25.46
N ARG B 110 3.34 -29.49 -26.37
CA ARG B 110 2.35 -30.54 -26.14
C ARG B 110 3.01 -31.92 -26.02
N VAL B 111 3.97 -32.21 -26.89
CA VAL B 111 4.68 -33.48 -26.81
C VAL B 111 5.45 -33.59 -25.50
N LEU B 112 6.30 -32.59 -25.21
CA LEU B 112 7.04 -32.63 -23.95
C LEU B 112 6.13 -32.96 -22.77
N HIS B 113 4.93 -32.37 -22.76
CA HIS B 113 3.98 -32.66 -21.69
C HIS B 113 3.48 -34.09 -21.74
N LYS B 114 3.38 -34.68 -22.94
CA LYS B 114 2.92 -36.06 -23.02
C LYS B 114 3.97 -37.02 -22.51
N LYS B 115 5.24 -36.75 -22.83
CA LYS B 115 6.36 -37.52 -22.29
C LYS B 115 6.62 -37.28 -20.80
N ASP B 116 5.63 -36.80 -20.05
CA ASP B 116 5.70 -36.65 -18.59
C ASP B 116 6.94 -35.87 -18.13
N LYS B 117 7.21 -34.75 -18.78
CA LYS B 117 8.25 -33.84 -18.37
C LYS B 117 7.69 -32.74 -17.46
N GLN B 118 8.57 -32.14 -16.65
CA GLN B 118 8.24 -30.96 -15.84
C GLN B 118 8.47 -29.71 -16.69
N ILE B 119 7.40 -28.96 -16.93
CA ILE B 119 7.45 -27.80 -17.81
C ILE B 119 6.99 -26.55 -17.05
N TYR B 120 7.76 -25.48 -17.16
CA TYR B 120 7.43 -24.21 -16.52
C TYR B 120 7.45 -23.08 -17.53
N CYS B 121 6.50 -22.16 -17.35
CA CYS B 121 6.40 -20.94 -18.14
C CYS B 121 6.98 -19.77 -17.32
N LEU B 122 7.94 -19.06 -17.90
CA LEU B 122 8.60 -17.93 -17.28
C LEU B 122 8.55 -16.76 -18.24
N SER B 123 7.72 -15.76 -17.96
CA SER B 123 7.47 -14.68 -18.91
C SER B 123 7.38 -13.32 -18.20
N ASN B 124 7.96 -12.28 -18.81
CA ASN B 124 7.71 -10.90 -18.39
C ASN B 124 6.44 -10.42 -19.08
N VAL B 125 5.32 -10.42 -18.36
CA VAL B 125 4.07 -9.97 -18.97
C VAL B 125 3.21 -9.38 -17.86
N ASP B 126 2.46 -8.34 -18.19
CA ASP B 126 1.69 -7.63 -17.18
C ASP B 126 0.36 -8.36 -16.89
N LEU B 127 -0.19 -8.08 -15.71
CA LEU B 127 -1.37 -8.81 -15.22
C LEU B 127 -2.50 -8.80 -16.23
N GLU B 128 -2.80 -7.64 -16.81
CA GLU B 128 -3.97 -7.56 -17.70
C GLU B 128 -3.73 -8.34 -18.98
N SER B 129 -2.56 -8.18 -19.60
CA SER B 129 -2.23 -9.01 -20.76
C SER B 129 -2.26 -10.50 -20.42
N PHE B 130 -1.65 -10.86 -19.29
CA PHE B 130 -1.62 -12.26 -18.91
C PHE B 130 -3.04 -12.81 -18.79
N SER B 131 -3.92 -12.08 -18.11
CA SER B 131 -5.31 -12.52 -17.99
C SER B 131 -5.94 -12.76 -19.36
N TYR B 132 -5.68 -11.87 -20.31
CA TYR B 132 -6.24 -12.04 -21.64
C TYR B 132 -5.61 -13.24 -22.36
N LEU B 133 -4.29 -13.39 -22.29
CA LEU B 133 -3.64 -14.54 -22.91
C LEU B 133 -4.18 -15.85 -22.35
N TYR B 134 -4.48 -15.87 -21.04
CA TYR B 134 -4.97 -17.12 -20.43
C TYR B 134 -6.30 -17.53 -21.04
N LYS B 135 -7.13 -16.53 -21.39
CA LYS B 135 -8.43 -16.79 -21.99
C LYS B 135 -8.29 -17.21 -23.45
N GLN B 136 -7.40 -16.54 -24.21
CA GLN B 136 -7.31 -16.63 -25.67
C GLN B 136 -6.65 -17.91 -26.18
N PHE B 137 -5.78 -18.54 -25.40
CA PHE B 137 -5.02 -19.67 -25.90
C PHE B 137 -5.18 -20.84 -24.94
N ASP B 138 -4.66 -22.01 -25.35
CA ASP B 138 -5.02 -23.23 -24.64
C ASP B 138 -3.83 -24.15 -24.44
N PHE B 139 -2.62 -23.62 -24.41
CA PHE B 139 -1.46 -24.44 -24.06
C PHE B 139 -1.13 -24.37 -22.58
N TRP B 140 -1.86 -23.57 -21.80
CA TRP B 140 -1.54 -23.42 -20.38
C TRP B 140 -1.63 -24.77 -19.67
N LYS B 141 -2.57 -25.62 -20.09
CA LYS B 141 -2.67 -26.97 -19.56
C LYS B 141 -1.39 -27.79 -19.71
N TYR B 142 -0.48 -27.39 -20.59
CA TYR B 142 0.77 -28.12 -20.71
C TYR B 142 1.80 -27.73 -19.67
N PHE B 143 1.56 -26.68 -18.89
CA PHE B 143 2.53 -26.21 -17.91
C PHE B 143 2.22 -26.83 -16.55
N ASP B 144 3.29 -27.17 -15.83
CA ASP B 144 3.19 -27.57 -14.43
C ASP B 144 3.17 -26.37 -13.49
N GLY B 145 3.69 -25.23 -13.92
CA GLY B 145 3.65 -24.03 -13.13
C GLY B 145 3.92 -22.82 -14.00
N ILE B 146 3.17 -21.76 -13.76
CA ILE B 146 3.29 -20.53 -14.54
C ILE B 146 3.90 -19.46 -13.64
N TYR B 147 5.03 -18.90 -14.08
CA TYR B 147 5.74 -17.84 -13.36
C TYR B 147 5.74 -16.54 -14.18
N VAL B 148 4.83 -15.63 -13.84
CA VAL B 148 4.59 -14.40 -14.61
C VAL B 148 5.04 -13.20 -13.79
N SER B 149 5.79 -12.30 -14.42
CA SER B 149 6.40 -11.19 -13.70
C SER B 149 5.37 -10.39 -12.90
N ALA B 150 4.21 -10.08 -13.50
CA ALA B 150 3.24 -9.26 -12.78
C ALA B 150 2.69 -9.97 -11.55
N LEU B 151 2.77 -11.29 -11.50
CA LEU B 151 2.39 -12.00 -10.29
C LEU B 151 3.56 -12.20 -9.33
N LEU B 152 4.78 -11.95 -9.78
CA LEU B 152 5.94 -12.20 -8.94
C LEU B 152 6.53 -10.93 -8.33
N GLN B 153 6.25 -9.77 -8.93
CA GLN B 153 7.01 -8.55 -8.69
C GLN B 153 8.49 -8.75 -8.97
N LEU B 154 8.81 -9.59 -9.95
CA LEU B 154 10.16 -9.79 -10.43
C LEU B 154 10.10 -9.86 -11.94
N ARG B 155 11.25 -9.74 -12.58
CA ARG B 155 11.23 -9.75 -14.04
C ARG B 155 12.58 -10.19 -14.58
N LYS B 156 12.55 -10.96 -15.67
CA LYS B 156 13.77 -11.23 -16.41
C LYS B 156 14.35 -9.90 -16.87
N PRO B 157 15.69 -9.77 -16.92
CA PRO B 157 16.72 -10.79 -16.67
C PRO B 157 17.30 -10.80 -15.26
N ASN B 158 16.63 -10.16 -14.30
CA ASN B 158 17.19 -10.10 -12.96
C ASN B 158 17.39 -11.50 -12.41
N PRO B 159 18.52 -11.78 -11.78
CA PRO B 159 18.73 -13.12 -11.19
C PRO B 159 17.70 -13.47 -10.14
N ASP B 160 17.12 -12.45 -9.50
CA ASP B 160 16.05 -12.68 -8.53
C ASP B 160 14.94 -13.58 -9.08
N ILE B 161 14.54 -13.40 -10.34
CA ILE B 161 13.42 -14.18 -10.83
C ILE B 161 13.83 -15.63 -11.05
N PHE B 162 15.05 -15.85 -11.55
CA PHE B 162 15.55 -17.21 -11.69
C PHE B 162 15.71 -17.89 -10.34
N GLN B 163 16.26 -17.17 -9.37
CA GLN B 163 16.41 -17.73 -8.03
C GLN B 163 15.07 -18.13 -7.43
N TYR B 164 14.06 -17.26 -7.55
CA TYR B 164 12.73 -17.61 -7.06
C TYR B 164 12.14 -18.78 -7.84
N LEU B 165 12.36 -18.84 -9.16
CA LEU B 165 11.87 -19.98 -9.93
C LEU B 165 12.48 -21.28 -9.44
N ILE B 166 13.81 -21.31 -9.34
CA ILE B 166 14.51 -22.52 -8.93
C ILE B 166 14.03 -22.97 -7.56
N SER B 167 13.88 -22.02 -6.63
CA SER B 167 13.43 -22.35 -5.29
C SER B 167 11.96 -22.75 -5.28
N SER B 168 11.10 -21.93 -5.89
CA SER B 168 9.66 -22.20 -5.83
C SER B 168 9.34 -23.58 -6.38
N ALA B 169 9.86 -23.90 -7.56
CA ALA B 169 9.51 -25.14 -8.23
C ALA B 169 10.41 -26.30 -7.82
N SER B 170 11.35 -26.07 -6.89
CA SER B 170 12.26 -27.12 -6.43
C SER B 170 12.98 -27.75 -7.61
N ILE B 171 13.61 -26.93 -8.42
CA ILE B 171 14.19 -27.37 -9.68
C ILE B 171 15.61 -27.83 -9.45
N ASN B 172 15.93 -28.99 -10.01
CA ASN B 172 17.30 -29.46 -10.12
C ASN B 172 17.87 -28.87 -11.41
N THR B 173 18.68 -27.81 -11.29
CA THR B 173 19.11 -27.13 -12.51
C THR B 173 19.97 -28.00 -13.39
N LYS B 174 20.52 -29.09 -12.88
CA LYS B 174 21.35 -29.96 -13.70
C LYS B 174 20.56 -30.51 -14.89
N SER B 175 19.38 -31.05 -14.62
CA SER B 175 18.45 -31.59 -15.62
C SER B 175 17.41 -30.56 -16.08
N THR B 176 17.81 -29.32 -16.30
CA THR B 176 16.86 -28.27 -16.68
C THR B 176 17.44 -27.50 -17.84
N ILE B 177 16.62 -27.29 -18.87
CA ILE B 177 16.99 -26.47 -20.01
C ILE B 177 15.97 -25.36 -20.13
N PHE B 178 16.35 -24.30 -20.83
CA PHE B 178 15.53 -23.09 -20.84
C PHE B 178 15.53 -22.52 -22.25
N ILE B 179 14.34 -22.37 -22.82
CA ILE B 179 14.15 -21.94 -24.21
C ILE B 179 13.69 -20.50 -24.21
N ASP B 180 14.47 -19.62 -24.82
CA ASP B 180 14.08 -18.22 -24.91
C ASP B 180 14.77 -17.63 -26.13
N ASP B 181 14.25 -16.49 -26.59
CA ASP B 181 14.90 -15.73 -27.67
C ASP B 181 15.97 -14.77 -27.16
N LYS B 182 15.67 -13.96 -26.13
CA LYS B 182 16.64 -12.96 -25.66
C LYS B 182 17.88 -13.63 -25.06
N SER B 183 19.06 -13.19 -25.49
CA SER B 183 20.29 -13.79 -24.98
C SER B 183 20.50 -13.51 -23.50
N GLU B 184 20.29 -12.26 -23.07
CA GLU B 184 20.60 -11.94 -21.69
C GLU B 184 19.77 -12.76 -20.70
N ASN B 185 18.55 -13.16 -21.08
CA ASN B 185 17.79 -14.10 -20.26
C ASN B 185 18.48 -15.46 -20.21
N LEU B 186 19.10 -15.88 -21.31
CA LEU B 186 19.71 -17.21 -21.36
C LEU B 186 21.02 -17.24 -20.58
N GLN B 187 21.82 -16.18 -20.71
CA GLN B 187 23.04 -16.05 -19.94
C GLN B 187 22.76 -16.02 -18.43
N GLU B 188 21.75 -15.26 -18.02
CA GLU B 188 21.39 -15.24 -16.61
C GLU B 188 21.03 -16.63 -16.11
N ALA B 189 20.26 -17.38 -16.89
CA ALA B 189 19.89 -18.73 -16.45
C ALA B 189 21.07 -19.68 -16.46
N ALA B 190 22.05 -19.44 -17.34
CA ALA B 190 23.21 -20.34 -17.39
C ALA B 190 24.07 -20.19 -16.15
N ASN B 191 24.28 -18.96 -15.70
CA ASN B 191 25.02 -18.75 -14.47
C ASN B 191 24.32 -19.37 -13.28
N PHE B 192 23.06 -19.79 -13.41
CA PHE B 192 22.41 -20.59 -12.39
C PHE B 192 22.59 -22.07 -12.63
N GLY B 193 23.39 -22.43 -13.62
CA GLY B 193 23.57 -23.84 -13.98
C GLY B 193 22.45 -24.45 -14.79
N ILE B 194 21.69 -23.65 -15.51
CA ILE B 194 20.60 -24.13 -16.36
C ILE B 194 21.07 -24.11 -17.80
N SER B 195 20.87 -25.20 -18.52
CA SER B 195 21.26 -25.23 -19.91
C SER B 195 20.29 -24.40 -20.74
N THR B 196 20.82 -23.74 -21.76
CA THR B 196 20.04 -22.81 -22.56
C THR B 196 19.79 -23.35 -23.96
N LEU B 197 18.66 -22.93 -24.53
CA LEU B 197 18.27 -23.22 -25.91
C LEU B 197 17.76 -21.91 -26.50
N LYS B 198 18.58 -21.27 -27.33
CA LYS B 198 18.20 -20.01 -27.95
C LYS B 198 17.33 -20.29 -29.17
N TYR B 199 16.16 -19.68 -29.22
CA TYR B 199 15.22 -19.81 -30.33
C TYR B 199 15.52 -18.72 -31.34
N ASN B 200 15.99 -19.11 -32.52
CA ASN B 200 16.36 -18.15 -33.56
C ASN B 200 15.38 -18.21 -34.72
N LYS B 201 15.64 -17.36 -35.72
CA LYS B 201 14.82 -17.38 -36.93
C LYS B 201 14.71 -18.81 -37.46
N ASP B 202 15.82 -19.38 -37.89
CA ASP B 202 15.81 -20.67 -38.57
C ASP B 202 16.79 -21.65 -37.94
N ASN B 203 16.95 -21.58 -36.61
CA ASN B 203 17.74 -22.60 -35.91
C ASN B 203 17.67 -22.37 -34.40
N PHE B 204 18.16 -23.38 -33.67
CA PHE B 204 18.33 -23.34 -32.22
C PHE B 204 19.81 -23.38 -31.89
N GLU B 205 20.25 -22.50 -30.99
CA GLU B 205 21.57 -22.58 -30.39
C GLU B 205 21.45 -23.27 -29.03
N TYR B 206 22.18 -24.37 -28.86
CA TYR B 206 22.09 -25.18 -27.65
C TYR B 206 23.41 -25.15 -26.90
N THR B 207 23.41 -24.57 -25.71
CA THR B 207 24.55 -24.65 -24.79
C THR B 207 24.18 -25.56 -23.64
N ALA B 208 24.77 -26.75 -23.61
CA ALA B 208 24.68 -27.57 -22.41
C ALA B 208 25.49 -26.91 -21.29
N ILE B 209 24.97 -26.99 -20.07
CA ILE B 209 25.57 -26.30 -18.92
C ILE B 209 25.71 -27.32 -17.80
N GLU B 210 26.96 -27.64 -17.45
CA GLU B 210 27.20 -28.51 -16.30
C GLU B 210 26.65 -27.87 -15.03
N GLY B 211 27.07 -26.64 -14.74
CA GLY B 211 26.63 -25.99 -13.52
C GLY B 211 27.12 -26.76 -12.32
N GLY B 212 26.24 -26.89 -11.32
CA GLY B 212 26.60 -27.56 -10.09
C GLY B 212 27.28 -26.66 -9.07
N TRP B 213 27.20 -25.34 -9.25
CA TRP B 213 27.75 -24.38 -8.31
C TRP B 213 26.68 -24.02 -7.28
N PRO B 214 26.99 -23.14 -6.32
CA PRO B 214 26.05 -22.86 -5.23
C PRO B 214 25.12 -21.68 -5.50
N ILE B 215 24.01 -21.69 -4.76
CA ILE B 215 22.95 -20.68 -4.84
C ILE B 215 23.29 -19.49 -3.94
N PRO B 216 22.78 -18.27 -4.22
CA PRO B 216 23.11 -17.13 -3.36
C PRO B 216 22.13 -16.94 -2.21
N LEU B 217 22.07 -15.71 -1.69
CA LEU B 217 21.25 -15.39 -0.52
C LEU B 217 19.76 -15.48 -0.84
N GLN B 218 18.97 -15.78 0.18
CA GLN B 218 17.54 -16.02 0.00
C GLN B 218 16.77 -14.71 0.01
N ASN B 219 15.80 -14.60 -0.91
CA ASN B 219 15.08 -13.36 -1.10
C ASN B 219 14.44 -12.89 0.21
N MET B 220 13.73 -13.80 0.90
CA MET B 220 13.23 -13.50 2.24
C MET B 220 13.04 -14.75 3.09
N THR B 221 13.72 -15.85 2.75
CA THR B 221 13.49 -17.14 3.42
C THR B 221 13.60 -17.08 4.93
N PRO B 222 14.64 -16.47 5.53
CA PRO B 222 14.70 -16.44 6.99
C PRO B 222 13.55 -15.67 7.61
N GLU B 223 13.21 -14.51 7.03
CA GLU B 223 12.01 -13.80 7.41
C GLU B 223 10.81 -14.73 7.43
N ILE B 224 10.65 -15.52 6.36
CA ILE B 224 9.44 -16.30 6.20
C ILE B 224 9.35 -17.40 7.26
N HIS B 225 10.47 -18.09 7.51
CA HIS B 225 10.43 -19.17 8.49
C HIS B 225 10.01 -18.65 9.87
N LYS B 226 10.52 -17.48 10.26
CA LYS B 226 10.16 -16.95 11.56
C LYS B 226 8.70 -16.55 11.62
N LYS B 227 8.19 -15.91 10.56
CA LYS B 227 6.80 -15.47 10.57
C LYS B 227 5.84 -16.65 10.57
N ARG B 228 6.20 -17.73 9.86
CA ARG B 228 5.35 -18.92 9.86
C ARG B 228 5.30 -19.54 11.24
N THR B 229 6.47 -19.69 11.88
CA THR B 229 6.53 -20.24 13.22
C THR B 229 5.73 -19.38 14.19
N LEU B 230 5.94 -18.06 14.13
CA LEU B 230 5.21 -17.16 15.01
C LEU B 230 3.70 -17.28 14.77
N GLY B 231 3.28 -17.38 13.50
CA GLY B 231 1.87 -17.56 13.24
C GLY B 231 1.35 -18.90 13.71
N GLU B 232 2.13 -19.97 13.49
CA GLU B 232 1.72 -21.29 13.97
C GLU B 232 1.56 -21.30 15.48
N ASP B 233 2.60 -20.86 16.20
CA ASP B 233 2.49 -20.77 17.65
C ASP B 233 1.26 -19.97 18.06
N TYR B 234 1.02 -18.84 17.40
CA TYR B 234 -0.15 -18.03 17.74
C TYR B 234 -1.45 -18.81 17.56
N LEU B 235 -1.62 -19.45 16.41
CA LEU B 235 -2.87 -20.14 16.12
C LEU B 235 -3.04 -21.40 16.96
N ASN B 236 -1.96 -22.17 17.14
CA ASN B 236 -2.08 -23.38 17.95
C ASN B 236 -2.44 -23.04 19.39
N LEU B 237 -1.90 -21.95 19.90
CA LEU B 237 -2.26 -21.51 21.25
C LEU B 237 -3.73 -21.15 21.33
N ARG B 238 -4.22 -20.38 20.35
CA ARG B 238 -5.63 -20.01 20.31
C ARG B 238 -6.53 -21.24 20.26
N LEU B 239 -6.25 -22.17 19.34
CA LEU B 239 -7.18 -23.27 19.14
C LEU B 239 -7.09 -24.29 20.27
N ARG B 240 -5.90 -24.46 20.86
CA ARG B 240 -5.79 -25.35 22.02
C ARG B 240 -6.56 -24.82 23.22
N LYS B 241 -6.64 -23.50 23.37
CA LYS B 241 -7.41 -22.88 24.44
C LYS B 241 -8.89 -22.79 24.09
N PHE B 242 -9.23 -22.55 22.83
CA PHE B 242 -10.62 -22.54 22.37
C PHE B 242 -10.78 -23.41 21.13
N PRO B 243 -10.88 -24.72 21.30
CA PRO B 243 -11.07 -25.60 20.11
C PRO B 243 -12.38 -25.34 19.41
N PHE B 244 -13.41 -24.91 20.14
CA PHE B 244 -14.57 -24.31 19.50
C PHE B 244 -14.16 -22.91 19.04
N CYS B 245 -13.86 -22.78 17.75
CA CYS B 245 -13.25 -21.56 17.24
C CYS B 245 -14.11 -20.35 17.58
N LYS B 246 -13.48 -19.34 18.18
CA LYS B 246 -14.21 -18.15 18.62
C LYS B 246 -14.65 -17.33 17.42
N SER B 247 -15.66 -16.50 17.64
CA SER B 247 -16.06 -15.52 16.66
C SER B 247 -16.43 -14.22 17.37
N PHE B 248 -16.33 -13.13 16.62
CA PHE B 248 -16.79 -11.82 17.07
C PHE B 248 -17.74 -11.26 16.04
N VAL B 249 -18.63 -10.39 16.48
CA VAL B 249 -19.65 -9.83 15.60
C VAL B 249 -19.55 -8.32 15.64
N SER B 250 -19.93 -7.69 14.54
CA SER B 250 -20.13 -6.25 14.47
C SER B 250 -20.71 -5.96 13.09
N ASN B 251 -20.70 -4.69 12.69
CA ASN B 251 -21.37 -4.27 11.47
C ASN B 251 -20.40 -3.92 10.36
N ASN B 252 -19.14 -4.32 10.51
CA ASN B 252 -18.14 -3.95 9.52
C ASN B 252 -17.22 -5.13 9.31
N VAL B 253 -16.62 -5.19 8.12
CA VAL B 253 -15.79 -6.34 7.77
C VAL B 253 -14.54 -6.41 8.65
N GLU B 254 -13.98 -5.29 9.08
CA GLU B 254 -12.82 -5.34 9.97
C GLU B 254 -13.20 -5.67 11.40
N LEU B 255 -14.49 -5.83 11.69
CA LEU B 255 -14.95 -6.21 13.02
C LEU B 255 -14.41 -5.24 14.07
N ILE B 256 -14.24 -3.99 13.66
CA ILE B 256 -13.86 -2.95 14.60
C ILE B 256 -14.99 -2.77 15.60
N GLY B 257 -14.65 -2.78 16.90
CA GLY B 257 -15.66 -2.75 17.93
C GLY B 257 -16.45 -4.03 18.06
N GLY B 258 -16.01 -5.11 17.44
CA GLY B 258 -16.73 -6.36 17.57
C GLY B 258 -16.82 -6.81 19.01
N GLU B 259 -17.88 -7.55 19.30
CA GLU B 259 -18.10 -8.21 20.57
C GLU B 259 -17.95 -9.71 20.39
N ASP B 260 -17.40 -10.36 21.41
CA ASP B 260 -17.21 -11.79 21.38
C ASP B 260 -18.57 -12.49 21.32
N PHE B 261 -18.74 -13.37 20.33
CA PHE B 261 -19.95 -14.17 20.20
C PHE B 261 -19.62 -15.63 20.51
N SER B 262 -18.94 -16.32 19.61
CA SER B 262 -18.34 -17.63 19.88
C SER B 262 -19.39 -18.70 20.17
N LYS B 263 -20.57 -18.60 19.55
CA LYS B 263 -21.62 -19.59 19.73
C LYS B 263 -22.14 -20.16 18.40
N GLU B 264 -21.35 -20.09 17.33
CA GLU B 264 -21.65 -20.75 16.08
C GLU B 264 -20.53 -21.74 15.80
N ILE B 265 -20.89 -22.92 15.28
CA ILE B 265 -19.89 -23.95 15.02
C ILE B 265 -19.28 -23.83 13.63
N PHE B 266 -19.82 -22.98 12.77
CA PHE B 266 -19.36 -22.93 11.39
C PHE B 266 -17.88 -22.59 11.30
N SER B 267 -17.39 -21.64 12.11
CA SER B 267 -15.98 -21.26 12.00
C SER B 267 -15.08 -22.46 12.25
N THR B 268 -15.40 -23.25 13.28
CA THR B 268 -14.67 -24.48 13.56
C THR B 268 -14.63 -25.37 12.32
N ALA B 269 -15.78 -25.54 11.64
CA ALA B 269 -15.80 -26.38 10.44
C ALA B 269 -14.90 -25.82 9.35
N VAL B 270 -14.98 -24.50 9.12
CA VAL B 270 -14.15 -23.87 8.10
C VAL B 270 -12.68 -24.12 8.38
N ILE B 271 -12.26 -24.00 9.64
CA ILE B 271 -10.84 -24.17 9.96
C ILE B 271 -10.41 -25.62 9.79
N LEU B 272 -11.27 -26.57 10.19
CA LEU B 272 -10.92 -27.98 10.00
C LEU B 272 -10.65 -28.29 8.53
N HIS B 273 -11.32 -27.59 7.61
CA HIS B 273 -11.35 -27.88 6.18
C HIS B 273 -10.21 -27.26 5.40
N SER B 274 -9.68 -26.12 5.88
CA SER B 274 -8.85 -25.26 5.04
C SER B 274 -7.38 -25.17 5.45
N TYR B 275 -7.04 -25.27 6.72
CA TYR B 275 -5.64 -25.20 7.13
C TYR B 275 -5.11 -26.62 7.33
N THR B 276 -4.31 -27.09 6.38
CA THR B 276 -3.96 -28.49 6.25
C THR B 276 -2.76 -28.89 7.10
N SER B 277 -2.39 -28.06 8.09
CA SER B 277 -1.26 -28.36 8.96
C SER B 277 -1.57 -28.23 10.44
N LEU B 278 -2.84 -28.13 10.83
CA LEU B 278 -3.20 -28.17 12.24
C LEU B 278 -2.59 -29.39 12.93
N PRO B 279 -1.88 -29.22 14.04
CA PRO B 279 -1.46 -30.38 14.84
C PRO B 279 -2.61 -31.35 15.07
N ASP B 280 -2.27 -32.64 15.25
CA ASP B 280 -3.33 -33.65 15.30
C ASP B 280 -4.23 -33.46 16.52
N ASP B 281 -3.65 -33.13 17.67
CA ASP B 281 -4.48 -32.94 18.86
C ASP B 281 -5.53 -31.86 18.64
N ILE B 282 -5.23 -30.86 17.80
CA ILE B 282 -6.17 -29.77 17.59
C ILE B 282 -7.28 -30.21 16.66
N ILE B 283 -6.91 -30.88 15.57
CA ILE B 283 -7.90 -31.51 14.67
C ILE B 283 -8.87 -32.35 15.48
N ALA B 284 -8.32 -33.21 16.33
CA ALA B 284 -9.16 -34.10 17.14
C ALA B 284 -10.00 -33.31 18.11
N SER B 285 -9.38 -32.35 18.79
CA SER B 285 -10.10 -31.54 19.76
C SER B 285 -11.22 -30.73 19.08
N MET B 286 -10.93 -30.16 17.90
CA MET B 286 -11.98 -29.47 17.15
C MET B 286 -12.97 -30.45 16.52
N CYS B 287 -12.50 -31.61 16.08
CA CYS B 287 -13.46 -32.60 15.58
C CYS B 287 -14.44 -33.00 16.68
N HIS B 288 -13.93 -33.21 17.89
CA HIS B 288 -14.81 -33.47 19.02
C HIS B 288 -15.92 -32.43 19.11
N GLU B 289 -15.58 -31.14 18.94
CA GLU B 289 -16.57 -30.06 19.01
C GLU B 289 -17.70 -30.27 17.99
N ILE B 290 -17.34 -30.54 16.73
CA ILE B 290 -18.34 -30.74 15.68
C ILE B 290 -19.34 -31.83 16.09
N LEU B 291 -18.81 -32.98 16.50
CA LEU B 291 -19.67 -34.13 16.78
C LEU B 291 -20.58 -33.86 17.98
N ASN B 292 -20.02 -33.35 19.07
CA ASN B 292 -20.82 -33.07 20.26
C ASN B 292 -21.57 -31.76 20.14
N HIS B 293 -21.45 -31.06 19.02
CA HIS B 293 -22.22 -29.85 18.85
C HIS B 293 -23.70 -30.14 19.04
N ASP B 294 -24.31 -29.44 20.01
CA ASP B 294 -25.70 -29.68 20.38
C ASP B 294 -26.67 -29.36 19.25
N GLY B 295 -26.24 -28.60 18.23
CA GLY B 295 -27.07 -28.30 17.08
C GLY B 295 -27.01 -29.36 15.99
N GLN B 296 -26.56 -30.56 16.33
CA GLN B 296 -26.64 -31.71 15.45
C GLN B 296 -27.96 -32.41 15.70
N ASN B 297 -28.76 -32.60 14.63
CA ASN B 297 -30.01 -33.35 14.72
C ASN B 297 -30.07 -34.34 13.55
N LYS B 298 -29.69 -35.59 13.79
CA LYS B 298 -29.76 -36.65 12.79
C LYS B 298 -28.89 -36.30 11.58
N LEU B 299 -27.60 -36.04 11.85
CA LEU B 299 -26.61 -35.76 10.81
C LEU B 299 -26.92 -34.48 10.03
N ARG B 300 -27.79 -33.62 10.54
CA ARG B 300 -27.94 -32.26 10.07
C ARG B 300 -27.41 -31.32 11.16
N TRP B 301 -26.73 -30.26 10.74
CA TRP B 301 -26.16 -29.30 11.67
C TRP B 301 -26.88 -27.96 11.58
N CYS B 302 -27.06 -27.35 12.74
CA CYS B 302 -27.45 -25.95 12.81
C CYS B 302 -26.23 -25.08 13.04
N PHE B 303 -26.25 -23.89 12.44
CA PHE B 303 -25.21 -22.89 12.65
C PHE B 303 -24.95 -22.64 14.13
N TYR B 304 -26.02 -22.42 14.90
CA TYR B 304 -25.90 -22.01 16.29
C TYR B 304 -25.69 -23.18 17.23
N LYS B 305 -25.01 -22.91 18.34
CA LYS B 305 -25.22 -23.68 19.56
C LYS B 305 -26.66 -23.48 20.04
N ASN B 306 -27.20 -24.49 20.74
CA ASN B 306 -28.61 -24.43 21.13
C ASN B 306 -28.90 -23.21 21.98
N GLU B 307 -28.07 -22.99 23.02
CA GLU B 307 -28.24 -21.85 23.90
C GLU B 307 -28.32 -20.54 23.13
N ALA B 308 -27.72 -20.48 21.95
CA ALA B 308 -27.71 -19.28 21.13
C ALA B 308 -28.68 -19.34 19.98
N ARG B 309 -29.33 -20.48 19.78
CA ARG B 309 -30.20 -20.64 18.62
C ARG B 309 -31.41 -19.72 18.78
N PRO B 310 -31.62 -18.77 17.88
CA PRO B 310 -32.87 -18.00 17.90
C PRO B 310 -34.07 -18.92 17.78
N ASP B 311 -35.24 -18.35 18.02
CA ASP B 311 -36.48 -19.13 17.93
C ASP B 311 -36.73 -19.54 16.49
N ASN B 312 -36.87 -20.86 16.28
CA ASN B 312 -37.24 -21.40 14.98
C ASN B 312 -36.14 -21.21 13.94
N PHE B 313 -34.87 -21.25 14.37
CA PHE B 313 -33.78 -21.15 13.43
C PHE B 313 -33.43 -22.54 12.91
N PRO B 314 -33.46 -22.76 11.59
CA PRO B 314 -33.37 -24.11 11.06
C PRO B 314 -31.93 -24.58 10.88
N ASP B 315 -31.79 -25.88 10.64
CA ASP B 315 -30.52 -26.37 10.14
C ASP B 315 -30.28 -25.80 8.76
N ASP B 316 -29.01 -25.68 8.37
CA ASP B 316 -28.67 -25.10 7.08
C ASP B 316 -27.76 -26.06 6.32
N LEU B 317 -27.89 -26.01 4.99
CA LEU B 317 -27.13 -26.95 4.17
C LEU B 317 -25.65 -26.60 4.13
N ASN B 318 -25.28 -25.38 4.52
CA ASN B 318 -23.88 -24.99 4.50
C ASN B 318 -23.11 -25.63 5.67
N THR B 319 -23.54 -25.38 6.90
CA THR B 319 -22.91 -26.06 8.02
C THR B 319 -22.93 -27.57 7.81
N THR B 320 -24.09 -28.10 7.40
CA THR B 320 -24.24 -29.55 7.24
C THR B 320 -23.29 -30.09 6.19
N SER B 321 -23.25 -29.44 5.01
CA SER B 321 -22.39 -29.87 3.91
C SER B 321 -20.92 -29.86 4.32
N MET B 322 -20.46 -28.76 4.92
CA MET B 322 -19.05 -28.66 5.27
C MET B 322 -18.69 -29.71 6.31
N VAL B 323 -19.59 -29.92 7.28
CA VAL B 323 -19.31 -30.87 8.35
C VAL B 323 -19.29 -32.30 7.81
N LEU B 324 -20.33 -32.70 7.08
CA LEU B 324 -20.39 -34.04 6.52
C LEU B 324 -19.16 -34.29 5.65
N SER B 325 -18.82 -33.32 4.83
CA SER B 325 -17.68 -33.49 3.95
C SER B 325 -16.40 -33.74 4.74
N PHE B 326 -16.21 -33.01 5.84
CA PHE B 326 -15.01 -33.20 6.65
C PHE B 326 -15.06 -34.55 7.36
N LEU B 327 -16.17 -34.85 8.01
CA LEU B 327 -16.33 -36.17 8.60
C LEU B 327 -16.00 -37.26 7.57
N LEU B 328 -16.73 -37.26 6.45
CA LEU B 328 -16.48 -38.25 5.40
C LEU B 328 -15.00 -38.35 5.08
N ASN B 329 -14.34 -37.22 4.90
CA ASN B 329 -12.96 -37.24 4.46
C ASN B 329 -12.00 -37.69 5.56
N HIS B 330 -12.43 -37.70 6.81
CA HIS B 330 -11.59 -38.18 7.91
C HIS B 330 -12.06 -39.52 8.44
N ASN B 331 -12.83 -40.28 7.64
CA ASN B 331 -13.27 -41.64 7.98
C ASN B 331 -13.98 -41.69 9.32
N LYS B 332 -14.86 -40.72 9.56
CA LYS B 332 -15.72 -40.70 10.73
C LYS B 332 -17.18 -40.87 10.36
N LEU B 333 -17.50 -40.83 9.09
CA LEU B 333 -18.83 -41.13 8.60
C LEU B 333 -18.66 -41.90 7.30
N THR B 334 -19.64 -42.73 6.99
CA THR B 334 -19.65 -43.48 5.75
C THR B 334 -20.59 -42.80 4.77
N ILE B 335 -20.29 -43.00 3.48
CA ILE B 335 -21.18 -42.49 2.44
C ILE B 335 -22.60 -42.98 2.64
N GLU B 336 -22.75 -44.19 3.20
CA GLU B 336 -24.06 -44.79 3.40
C GLU B 336 -24.91 -43.95 4.36
N LYS B 337 -24.31 -43.45 5.45
CA LYS B 337 -25.04 -42.58 6.37
C LYS B 337 -25.29 -41.19 5.79
N ILE B 338 -24.36 -40.68 4.98
CA ILE B 338 -24.48 -39.32 4.45
C ILE B 338 -25.56 -39.24 3.38
N ILE B 339 -25.61 -40.22 2.47
CA ILE B 339 -26.43 -40.14 1.25
C ILE B 339 -27.89 -39.81 1.56
N PRO B 340 -28.50 -40.42 2.58
CA PRO B 340 -29.85 -39.98 2.96
C PRO B 340 -29.93 -38.50 3.30
N VAL B 341 -28.86 -37.88 3.83
CA VAL B 341 -28.91 -36.44 4.08
C VAL B 341 -28.75 -35.68 2.76
N ALA B 342 -27.79 -36.10 1.94
CA ALA B 342 -27.70 -35.56 0.59
C ALA B 342 -29.06 -35.61 -0.10
N GLU B 343 -29.82 -36.67 0.13
CA GLU B 343 -31.12 -36.79 -0.54
C GLU B 343 -32.09 -35.71 -0.06
N GLN B 344 -32.09 -35.41 1.25
CA GLN B 344 -32.91 -34.30 1.72
C GLN B 344 -32.49 -33.02 1.03
N MET B 345 -31.20 -32.87 0.71
CA MET B 345 -30.74 -31.64 0.09
C MET B 345 -31.29 -31.51 -1.33
N ILE B 346 -31.32 -32.61 -2.09
CA ILE B 346 -31.90 -32.57 -3.42
C ILE B 346 -33.39 -32.26 -3.34
N ALA B 347 -34.03 -32.67 -2.26
CA ALA B 347 -35.43 -32.35 -2.05
C ALA B 347 -35.65 -30.92 -1.56
N ASN B 348 -34.59 -30.11 -1.47
CA ASN B 348 -34.67 -28.75 -0.96
C ASN B 348 -34.56 -27.70 -2.06
N ARG B 349 -34.97 -28.03 -3.27
CA ARG B 349 -34.85 -27.11 -4.39
C ARG B 349 -36.04 -26.17 -4.48
N ASN B 350 -35.80 -25.00 -5.07
CA ASN B 350 -36.85 -24.01 -5.28
C ASN B 350 -37.40 -24.11 -6.71
N GLU B 351 -38.38 -23.28 -7.02
CA GLU B 351 -39.05 -23.35 -8.32
C GLU B 351 -38.07 -23.32 -9.48
N GLU B 352 -36.94 -22.65 -9.33
CA GLU B 352 -35.96 -22.61 -10.40
C GLU B 352 -35.03 -23.83 -10.38
N GLY B 353 -35.26 -24.78 -9.48
CA GLY B 353 -34.47 -25.98 -9.42
C GLY B 353 -33.21 -25.91 -8.59
N ILE B 354 -32.97 -24.81 -7.87
CA ILE B 354 -31.71 -24.58 -7.18
C ILE B 354 -31.83 -25.04 -5.74
N ILE B 355 -30.83 -25.80 -5.27
CA ILE B 355 -30.83 -26.25 -3.89
C ILE B 355 -30.72 -25.03 -2.96
N GLN B 356 -31.44 -25.08 -1.85
CA GLN B 356 -31.58 -23.89 -1.02
C GLN B 356 -30.71 -23.99 0.23
N VAL B 357 -30.66 -22.88 0.97
CA VAL B 357 -29.73 -22.73 2.10
C VAL B 357 -30.23 -23.48 3.33
N TYR B 358 -31.51 -23.40 3.63
CA TYR B 358 -32.01 -23.82 4.93
C TYR B 358 -32.84 -25.09 4.82
N PHE B 359 -32.81 -25.89 5.89
CA PHE B 359 -33.73 -27.03 6.02
C PHE B 359 -35.06 -26.53 6.59
N ASP B 360 -35.79 -25.81 5.77
CA ASP B 360 -37.01 -25.16 6.22
C ASP B 360 -37.75 -24.49 5.07
N ASP B 361 -38.84 -25.10 4.62
CA ASP B 361 -39.57 -24.55 3.48
C ASP B 361 -40.08 -23.14 3.76
N ASN B 362 -40.16 -22.74 5.04
CA ASN B 362 -40.62 -21.41 5.38
C ASN B 362 -39.55 -20.33 5.21
N ARG B 363 -38.31 -20.72 4.93
CA ARG B 363 -37.19 -19.78 4.87
C ARG B 363 -36.43 -19.98 3.57
N PRO B 364 -37.09 -19.75 2.43
CA PRO B 364 -36.44 -20.02 1.14
C PRO B 364 -35.34 -19.02 0.86
N ARG B 365 -34.14 -19.53 0.61
CA ARG B 365 -32.95 -18.73 0.35
C ARG B 365 -32.03 -19.48 -0.59
N ILE B 366 -31.32 -18.73 -1.43
CA ILE B 366 -30.19 -19.33 -2.13
C ILE B 366 -28.94 -18.50 -1.90
N ASP B 367 -27.80 -19.12 -2.15
CA ASP B 367 -26.48 -18.51 -1.98
C ASP B 367 -25.49 -19.31 -2.81
N ALA B 368 -24.71 -18.61 -3.64
CA ALA B 368 -23.83 -19.30 -4.60
C ALA B 368 -22.80 -20.18 -3.89
N ILE B 369 -22.28 -19.73 -2.75
CA ILE B 369 -21.23 -20.50 -2.09
C ILE B 369 -21.82 -21.70 -1.38
N VAL B 370 -23.01 -21.55 -0.80
CA VAL B 370 -23.70 -22.70 -0.20
C VAL B 370 -24.01 -23.73 -1.29
N ALA B 371 -24.50 -23.27 -2.44
CA ALA B 371 -24.59 -24.12 -3.61
C ALA B 371 -23.28 -24.89 -3.83
N ILE B 372 -22.16 -24.17 -3.92
CA ILE B 372 -20.88 -24.82 -4.21
C ILE B 372 -20.57 -25.87 -3.16
N ASN B 373 -20.69 -25.53 -1.89
CA ASN B 373 -20.33 -26.49 -0.85
C ASN B 373 -21.26 -27.70 -0.85
N VAL B 374 -22.53 -27.50 -1.23
CA VAL B 374 -23.44 -28.63 -1.36
C VAL B 374 -23.03 -29.53 -2.54
N LEU B 375 -22.76 -28.93 -3.70
CA LEU B 375 -22.26 -29.70 -4.85
C LEU B 375 -20.98 -30.45 -4.50
N TYR B 376 -20.11 -29.86 -3.70
CA TYR B 376 -18.88 -30.56 -3.33
C TYR B 376 -19.21 -31.86 -2.62
N LEU B 377 -20.13 -31.80 -1.64
CA LEU B 377 -20.53 -33.02 -0.97
C LEU B 377 -21.20 -33.99 -1.95
N MET B 378 -22.03 -33.46 -2.85
CA MET B 378 -22.67 -34.31 -3.85
C MET B 378 -21.64 -35.14 -4.61
N HIS B 379 -20.62 -34.48 -5.15
CA HIS B 379 -19.64 -35.21 -5.96
C HIS B 379 -18.79 -36.13 -5.10
N GLN B 380 -18.48 -35.71 -3.88
CA GLN B 380 -17.65 -36.52 -3.00
C GLN B 380 -18.31 -37.87 -2.66
N ILE B 381 -19.65 -37.93 -2.64
CA ILE B 381 -20.33 -39.12 -2.16
C ILE B 381 -20.83 -40.01 -3.30
N GLY B 382 -20.69 -39.59 -4.56
CA GLY B 382 -21.18 -40.35 -5.70
C GLY B 382 -22.35 -39.72 -6.46
N TYR B 383 -22.91 -38.61 -5.99
CA TYR B 383 -24.09 -38.00 -6.58
C TYR B 383 -23.77 -37.08 -7.75
N GLY B 384 -22.51 -36.98 -8.15
CA GLY B 384 -22.06 -36.00 -9.13
C GLY B 384 -22.84 -35.97 -10.43
N GLU B 385 -23.45 -37.09 -10.83
CA GLU B 385 -24.19 -37.17 -12.09
C GLU B 385 -25.70 -37.10 -11.87
N ARG B 386 -26.17 -36.85 -10.66
CA ARG B 386 -27.61 -36.80 -10.47
C ARG B 386 -28.19 -35.63 -11.26
N LYS B 387 -29.33 -35.86 -11.89
CA LYS B 387 -29.94 -34.88 -12.77
C LYS B 387 -30.49 -33.68 -12.01
N GLU B 388 -30.90 -33.87 -10.75
CA GLU B 388 -31.45 -32.77 -9.97
C GLU B 388 -30.41 -31.72 -9.61
N LEU B 389 -29.13 -31.96 -9.85
CA LEU B 389 -28.13 -30.94 -9.56
C LEU B 389 -27.89 -29.97 -10.72
N LYS B 390 -28.46 -30.22 -11.91
CA LYS B 390 -28.05 -29.48 -13.10
C LYS B 390 -28.28 -27.98 -12.92
N GLU B 391 -29.46 -27.60 -12.43
CA GLU B 391 -29.81 -26.18 -12.27
C GLU B 391 -28.92 -25.50 -11.22
N THR B 392 -28.60 -26.20 -10.13
CA THR B 392 -27.72 -25.62 -9.12
C THR B 392 -26.34 -25.36 -9.69
N GLU B 393 -25.76 -26.36 -10.37
CA GLU B 393 -24.46 -26.15 -10.99
C GLU B 393 -24.50 -24.99 -11.98
N ALA B 394 -25.63 -24.83 -12.67
CA ALA B 394 -25.74 -23.77 -13.67
C ALA B 394 -25.82 -22.39 -13.00
N PHE B 395 -26.57 -22.31 -11.90
CA PHE B 395 -26.59 -21.12 -11.05
C PHE B 395 -25.18 -20.69 -10.64
N VAL B 396 -24.34 -21.65 -10.24
CA VAL B 396 -22.99 -21.30 -9.86
C VAL B 396 -22.19 -20.86 -11.08
N PHE B 397 -22.34 -21.57 -12.20
CA PHE B 397 -21.59 -21.20 -13.40
C PHE B 397 -21.97 -19.80 -13.87
N ASP B 398 -23.27 -19.48 -13.89
CA ASP B 398 -23.70 -18.15 -14.28
C ASP B 398 -23.16 -17.11 -13.33
N PHE B 399 -23.21 -17.41 -12.02
CA PHE B 399 -22.67 -16.48 -11.04
C PHE B 399 -21.23 -16.12 -11.39
N LEU B 400 -20.43 -17.10 -11.79
CA LEU B 400 -19.06 -16.84 -12.20
C LEU B 400 -19.01 -16.05 -13.51
N ILE B 401 -19.66 -16.57 -14.56
CA ILE B 401 -19.47 -16.06 -15.91
C ILE B 401 -20.03 -14.65 -16.05
N SER B 402 -21.17 -14.40 -15.42
CA SER B 402 -21.79 -13.09 -15.45
C SER B 402 -21.05 -12.06 -14.61
N LYS B 403 -19.93 -12.43 -13.99
CA LYS B 403 -19.27 -11.59 -12.99
C LYS B 403 -20.25 -11.10 -11.92
N GLU B 404 -21.41 -11.74 -11.77
CA GLU B 404 -22.26 -11.39 -10.65
C GLU B 404 -21.56 -11.58 -9.31
N TYR B 405 -20.56 -12.46 -9.25
CA TYR B 405 -19.88 -12.70 -7.98
C TYR B 405 -19.15 -11.45 -7.48
N LEU B 406 -18.87 -10.46 -8.34
CA LEU B 406 -18.24 -9.22 -7.89
C LEU B 406 -19.14 -8.42 -6.92
N LYS B 407 -20.40 -8.78 -6.77
CA LYS B 407 -21.30 -8.20 -5.77
C LYS B 407 -21.43 -9.05 -4.52
N GLY B 408 -20.68 -10.15 -4.42
CA GLY B 408 -20.78 -11.06 -3.30
C GLY B 408 -22.01 -11.95 -3.36
N THR B 409 -22.12 -12.83 -2.36
CA THR B 409 -23.27 -13.72 -2.22
C THR B 409 -24.09 -13.22 -1.04
N ARG B 410 -25.21 -13.88 -0.78
CA ARG B 410 -26.12 -13.39 0.25
C ARG B 410 -25.42 -13.31 1.59
N TYR B 411 -24.52 -14.26 1.87
CA TYR B 411 -23.91 -14.41 3.18
C TYR B 411 -22.39 -14.19 3.15
N TYR B 412 -21.79 -14.14 1.96
CA TYR B 412 -20.35 -13.89 1.82
C TYR B 412 -20.15 -12.69 0.92
N PRO B 413 -19.82 -11.52 1.48
CA PRO B 413 -19.68 -10.32 0.65
C PRO B 413 -18.41 -10.29 -0.19
N ALA B 414 -17.34 -10.96 0.22
CA ALA B 414 -16.07 -10.79 -0.47
C ALA B 414 -16.03 -11.67 -1.72
N PRO B 415 -15.87 -11.07 -2.91
CA PRO B 415 -15.83 -11.89 -4.14
C PRO B 415 -14.83 -13.05 -4.10
N ASP B 416 -13.63 -12.82 -3.56
CA ASP B 416 -12.63 -13.88 -3.51
C ASP B 416 -13.06 -15.09 -2.68
N VAL B 417 -13.97 -14.93 -1.71
CA VAL B 417 -14.45 -16.10 -0.98
C VAL B 417 -15.23 -17.01 -1.93
N PHE B 418 -15.97 -16.42 -2.88
CA PHE B 418 -16.67 -17.23 -3.87
C PHE B 418 -15.68 -17.93 -4.80
N LEU B 419 -14.75 -17.17 -5.38
CA LEU B 419 -13.72 -17.80 -6.20
C LEU B 419 -12.97 -18.88 -5.43
N PHE B 420 -12.71 -18.65 -4.13
CA PHE B 420 -11.93 -19.62 -3.37
C PHE B 420 -12.68 -20.95 -3.25
N PHE B 421 -13.90 -20.93 -2.71
CA PHE B 421 -14.61 -22.20 -2.53
C PHE B 421 -14.93 -22.85 -3.86
N LEU B 422 -15.24 -22.05 -4.89
CA LEU B 422 -15.34 -22.59 -6.25
C LEU B 422 -14.09 -23.35 -6.64
N SER B 423 -12.91 -22.82 -6.30
CA SER B 423 -11.69 -23.48 -6.74
C SER B 423 -11.51 -24.86 -6.09
N ARG B 424 -12.11 -25.11 -4.93
CA ARG B 424 -11.98 -26.45 -4.34
C ARG B 424 -12.78 -27.45 -5.14
N LEU B 425 -14.02 -27.08 -5.49
CA LEU B 425 -14.88 -27.92 -6.30
C LEU B 425 -14.23 -28.22 -7.65
N VAL B 426 -13.79 -27.17 -8.33
CA VAL B 426 -13.31 -27.31 -9.70
C VAL B 426 -12.01 -28.11 -9.74
N VAL B 427 -11.14 -27.94 -8.75
CA VAL B 427 -9.85 -28.61 -8.81
C VAL B 427 -9.97 -30.04 -8.30
N ASP B 428 -10.80 -30.25 -7.28
CA ASP B 428 -10.98 -31.55 -6.68
C ASP B 428 -11.85 -32.49 -7.51
N PHE B 429 -12.68 -31.98 -8.41
CA PHE B 429 -13.51 -32.79 -9.29
C PHE B 429 -13.37 -32.23 -10.70
N PRO B 430 -12.17 -32.35 -11.29
CA PRO B 430 -11.90 -31.66 -12.56
C PRO B 430 -12.64 -32.22 -13.75
N ASP B 431 -12.79 -33.54 -13.82
CA ASP B 431 -13.52 -34.13 -14.94
C ASP B 431 -14.93 -33.57 -15.02
N GLN B 432 -15.62 -33.42 -13.88
CA GLN B 432 -16.97 -32.89 -13.88
C GLN B 432 -17.04 -31.36 -13.92
N PHE B 433 -15.90 -30.65 -13.94
CA PHE B 433 -15.97 -29.18 -13.90
C PHE B 433 -15.05 -28.49 -14.90
N GLU B 434 -14.71 -29.15 -16.02
CA GLU B 434 -13.74 -28.55 -16.94
C GLU B 434 -14.15 -27.16 -17.39
N LYS B 435 -15.43 -26.95 -17.68
CA LYS B 435 -15.78 -25.66 -18.27
C LYS B 435 -15.59 -24.51 -17.29
N PHE B 436 -15.53 -24.80 -15.98
CA PHE B 436 -15.27 -23.75 -14.98
C PHE B 436 -13.80 -23.34 -14.97
N HIS B 437 -12.89 -24.26 -15.25
CA HIS B 437 -11.48 -24.05 -14.91
C HIS B 437 -10.92 -22.74 -15.46
N LYS B 438 -11.17 -22.46 -16.73
CA LYS B 438 -10.46 -21.30 -17.30
C LYS B 438 -11.10 -19.99 -16.88
N PRO B 439 -12.41 -19.84 -17.00
CA PRO B 439 -13.03 -18.61 -16.49
C PRO B 439 -12.70 -18.36 -15.01
N LEU B 440 -12.63 -19.42 -14.19
CA LEU B 440 -12.21 -19.27 -12.80
C LEU B 440 -10.78 -18.76 -12.71
N THR B 441 -9.82 -19.43 -13.37
CA THR B 441 -8.44 -18.99 -13.28
C THR B 441 -8.31 -17.58 -13.81
N GLU B 442 -9.09 -17.24 -14.83
CA GLU B 442 -8.98 -15.91 -15.43
C GLU B 442 -9.48 -14.82 -14.48
N MET B 443 -10.61 -15.05 -13.80
CA MET B 443 -11.07 -14.09 -12.80
C MET B 443 -10.02 -13.90 -11.71
N LEU B 444 -9.45 -15.00 -11.22
CA LEU B 444 -8.43 -14.91 -10.20
C LEU B 444 -7.20 -14.10 -10.68
N ILE B 445 -6.75 -14.32 -11.92
CA ILE B 445 -5.60 -13.55 -12.39
C ILE B 445 -5.90 -12.05 -12.30
N THR B 446 -7.07 -11.62 -12.79
CA THR B 446 -7.41 -10.21 -12.77
C THR B 446 -7.41 -9.65 -11.35
N ARG B 447 -7.60 -10.48 -10.33
CA ARG B 447 -7.79 -9.98 -8.98
C ARG B 447 -6.54 -10.02 -8.12
N VAL B 448 -5.40 -10.46 -8.67
CA VAL B 448 -4.17 -10.47 -7.89
C VAL B 448 -3.89 -9.08 -7.33
N ASN B 449 -3.68 -9.02 -6.02
CA ASN B 449 -3.30 -7.79 -5.32
C ASN B 449 -4.37 -6.70 -5.45
N CYS B 450 -5.64 -7.06 -5.53
CA CYS B 450 -6.71 -6.10 -5.72
C CYS B 450 -7.38 -5.70 -4.41
N SER B 451 -6.94 -6.26 -3.30
CA SER B 451 -7.50 -5.89 -2.00
C SER B 451 -6.43 -6.17 -0.97
N THR B 452 -6.56 -5.49 0.17
CA THR B 452 -5.51 -5.53 1.18
C THR B 452 -5.78 -6.52 2.31
N PHE B 453 -7.03 -6.92 2.51
CA PHE B 453 -7.38 -7.81 3.61
C PHE B 453 -6.55 -9.09 3.57
N PRO B 454 -5.82 -9.40 4.64
CA PRO B 454 -4.96 -10.61 4.61
C PRO B 454 -5.69 -11.87 4.15
N LEU B 455 -6.88 -12.14 4.70
CA LEU B 455 -7.57 -13.38 4.37
C LEU B 455 -7.88 -13.44 2.87
N GLU B 456 -8.35 -12.33 2.30
CA GLU B 456 -8.59 -12.28 0.86
C GLU B 456 -7.30 -12.53 0.06
N ARG B 457 -6.20 -11.87 0.42
CA ARG B 457 -4.94 -12.19 -0.25
C ARG B 457 -4.63 -13.68 -0.12
N ALA B 458 -4.91 -14.26 1.04
CA ALA B 458 -4.54 -15.66 1.26
C ALA B 458 -5.37 -16.59 0.38
N LEU B 459 -6.68 -16.30 0.26
CA LEU B 459 -7.56 -17.07 -0.62
C LEU B 459 -7.10 -17.01 -2.06
N ARG B 460 -6.68 -15.84 -2.54
CA ARG B 460 -6.22 -15.75 -3.92
C ARG B 460 -4.91 -16.52 -4.11
N ILE B 461 -4.03 -16.49 -3.11
CA ILE B 461 -2.79 -17.24 -3.22
C ILE B 461 -3.10 -18.72 -3.31
N ILE B 462 -4.03 -19.18 -2.46
CA ILE B 462 -4.33 -20.61 -2.37
C ILE B 462 -4.99 -21.11 -3.65
N ALA B 463 -5.99 -20.38 -4.14
CA ALA B 463 -6.72 -20.80 -5.33
C ALA B 463 -5.81 -20.78 -6.56
N LEU B 464 -5.07 -19.68 -6.78
CA LEU B 464 -4.24 -19.59 -7.98
C LEU B 464 -3.17 -20.68 -7.98
N LYS B 465 -2.64 -21.01 -6.81
CA LYS B 465 -1.61 -22.05 -6.75
C LYS B 465 -2.19 -23.43 -7.04
N LYS B 466 -3.37 -23.74 -6.49
CA LYS B 466 -4.01 -25.00 -6.83
C LYS B 466 -4.30 -25.10 -8.34
N LEU B 467 -4.45 -23.95 -9.00
CA LEU B 467 -4.70 -23.87 -10.44
C LEU B 467 -3.41 -23.69 -11.25
N GLY B 468 -2.25 -23.83 -10.63
CA GLY B 468 -1.00 -23.83 -11.37
C GLY B 468 -0.30 -22.50 -11.54
N ILE B 469 -0.74 -21.44 -10.86
CA ILE B 469 -0.20 -20.10 -11.01
C ILE B 469 0.34 -19.60 -9.66
N VAL B 470 1.61 -19.18 -9.63
CA VAL B 470 2.28 -18.72 -8.41
C VAL B 470 2.01 -17.23 -8.19
N ASN B 471 1.31 -16.89 -7.10
CA ASN B 471 0.91 -15.52 -6.79
C ASN B 471 1.79 -14.97 -5.67
N ARG B 472 3.02 -14.58 -6.01
CA ARG B 472 3.98 -14.15 -5.00
C ARG B 472 3.67 -12.76 -4.44
N VAL B 473 3.07 -11.88 -5.24
CA VAL B 473 2.77 -10.54 -4.79
C VAL B 473 1.86 -10.56 -3.56
N ASP B 474 0.67 -11.13 -3.69
CA ASP B 474 -0.20 -11.21 -2.53
C ASP B 474 0.50 -11.86 -1.33
N PHE B 475 1.38 -12.83 -1.60
CA PHE B 475 2.18 -13.47 -0.57
C PHE B 475 2.96 -12.43 0.25
N LEU B 476 3.85 -11.68 -0.41
CA LEU B 476 4.63 -10.62 0.24
C LEU B 476 3.75 -9.71 1.10
N LYS B 477 2.76 -9.07 0.50
CA LYS B 477 1.93 -8.14 1.26
C LYS B 477 1.30 -8.83 2.45
N LEU B 478 0.98 -10.11 2.30
CA LEU B 478 0.42 -10.87 3.41
C LEU B 478 1.38 -10.89 4.60
N LEU B 479 2.66 -11.15 4.33
CA LEU B 479 3.66 -11.15 5.41
C LEU B 479 3.68 -9.82 6.16
N ASP B 480 3.54 -8.72 5.44
CA ASP B 480 3.62 -7.41 6.05
C ASP B 480 2.50 -7.11 7.03
N THR B 481 1.43 -7.88 7.05
CA THR B 481 0.29 -7.55 7.88
C THR B 481 0.09 -8.49 9.06
N GLN B 482 0.94 -9.50 9.23
CA GLN B 482 0.98 -10.23 10.50
C GLN B 482 1.36 -9.28 11.63
N LEU B 483 0.62 -9.34 12.74
CA LEU B 483 0.96 -8.49 13.87
C LEU B 483 2.04 -9.14 14.73
N ALA B 484 2.52 -8.35 15.70
CA ALA B 484 3.70 -8.75 16.49
C ALA B 484 3.50 -10.07 17.23
N ASP B 485 2.26 -10.43 17.59
CA ASP B 485 2.08 -11.68 18.31
C ASP B 485 1.96 -12.89 17.40
N GLY B 486 2.02 -12.71 16.07
CA GLY B 486 2.02 -13.80 15.12
C GLY B 486 0.69 -14.02 14.41
N GLY B 487 -0.42 -13.61 15.02
CA GLY B 487 -1.69 -13.70 14.34
C GLY B 487 -1.94 -12.54 13.39
N TRP B 488 -2.82 -12.76 12.42
CA TRP B 488 -3.29 -11.69 11.56
C TRP B 488 -4.53 -11.05 12.15
N PRO B 489 -4.96 -9.93 11.60
CA PRO B 489 -6.14 -9.25 12.14
C PRO B 489 -7.41 -10.03 11.85
N VAL B 490 -8.39 -9.86 12.74
CA VAL B 490 -9.74 -10.38 12.55
C VAL B 490 -10.31 -9.96 11.18
N TYR B 491 -11.25 -10.76 10.66
CA TYR B 491 -11.87 -10.58 9.37
C TYR B 491 -13.29 -11.13 9.39
N GLY B 492 -14.24 -10.35 8.88
CA GLY B 492 -15.62 -10.80 8.84
C GLY B 492 -15.88 -11.67 7.62
N LEU B 493 -15.76 -13.00 7.80
CA LEU B 493 -15.85 -13.91 6.65
C LEU B 493 -17.26 -13.94 6.06
N PHE B 494 -18.31 -13.87 6.91
CA PHE B 494 -19.68 -13.99 6.46
C PHE B 494 -20.59 -13.14 7.35
N ILE B 495 -21.82 -12.92 6.86
CA ILE B 495 -22.74 -11.95 7.45
C ILE B 495 -24.12 -12.55 7.66
N ALA B 496 -24.80 -12.06 8.71
CA ALA B 496 -26.24 -12.13 8.77
C ALA B 496 -26.81 -10.97 7.94
N PRO B 497 -27.30 -11.23 6.73
CA PRO B 497 -27.59 -10.10 5.81
C PRO B 497 -28.62 -9.12 6.33
N ARG B 498 -29.73 -9.60 6.90
CA ARG B 498 -30.80 -8.66 7.25
C ARG B 498 -30.33 -7.65 8.28
N SER B 499 -29.49 -8.08 9.22
CA SER B 499 -28.98 -7.15 10.22
C SER B 499 -27.60 -6.64 9.89
N ASN B 500 -26.98 -7.12 8.81
CA ASN B 500 -25.63 -6.70 8.45
C ASN B 500 -24.62 -6.97 9.58
N THR B 501 -24.73 -8.14 10.21
CA THR B 501 -23.79 -8.58 11.25
C THR B 501 -22.67 -9.40 10.61
N TYR B 502 -21.45 -8.88 10.63
CA TYR B 502 -20.30 -9.66 10.22
C TYR B 502 -19.88 -10.60 11.32
N PHE B 503 -19.28 -11.73 10.93
CA PHE B 503 -18.71 -12.72 11.83
C PHE B 503 -17.29 -13.02 11.37
N GLY B 504 -16.39 -13.24 12.31
CA GLY B 504 -15.02 -13.55 11.98
C GLY B 504 -14.17 -13.63 13.22
N SER B 505 -12.88 -13.93 12.99
CA SER B 505 -11.96 -14.19 14.08
C SER B 505 -10.54 -13.97 13.58
N ARG B 506 -9.63 -13.69 14.52
CA ARG B 506 -8.21 -13.73 14.18
C ARG B 506 -7.79 -15.14 13.80
N GLU B 507 -8.48 -16.16 14.34
CA GLU B 507 -8.14 -17.53 14.01
C GLU B 507 -8.39 -17.80 12.53
N LEU B 508 -9.54 -17.36 12.01
CA LEU B 508 -9.84 -17.55 10.60
C LEU B 508 -8.77 -16.91 9.72
N SER B 509 -8.38 -15.66 10.02
CA SER B 509 -7.41 -15.00 9.17
C SER B 509 -6.06 -15.71 9.25
N THR B 510 -5.64 -16.10 10.44
CA THR B 510 -4.33 -16.71 10.62
C THR B 510 -4.27 -18.09 9.96
N ALA B 511 -5.37 -18.84 10.02
CA ALA B 511 -5.36 -20.18 9.44
C ALA B 511 -5.20 -20.13 7.91
N PHE B 512 -5.97 -19.27 7.24
CA PHE B 512 -5.82 -19.15 5.80
C PHE B 512 -4.47 -18.53 5.43
N ALA B 513 -4.00 -17.55 6.21
CA ALA B 513 -2.70 -16.98 5.94
C ALA B 513 -1.61 -18.04 6.01
N LEU B 514 -1.59 -18.81 7.11
CA LEU B 514 -0.60 -19.87 7.24
C LEU B 514 -0.72 -20.88 6.10
N GLU B 515 -1.94 -21.19 5.67
CA GLU B 515 -2.09 -22.13 4.55
C GLU B 515 -1.52 -21.53 3.27
N ALA B 516 -1.76 -20.24 3.02
CA ALA B 516 -1.16 -19.59 1.85
C ALA B 516 0.37 -19.57 1.94
N LEU B 517 0.92 -19.28 3.11
CA LEU B 517 2.38 -19.34 3.23
C LEU B 517 2.88 -20.76 2.93
N HIS B 518 2.15 -21.76 3.43
CA HIS B 518 2.52 -23.15 3.24
C HIS B 518 2.50 -23.52 1.75
N ILE B 519 1.45 -23.12 1.04
CA ILE B 519 1.28 -23.66 -0.30
C ILE B 519 2.32 -23.11 -1.26
N LEU B 520 2.88 -21.94 -0.99
CA LEU B 520 3.95 -21.41 -1.81
C LEU B 520 5.33 -21.82 -1.33
N SER B 521 5.43 -22.59 -0.25
CA SER B 521 6.73 -22.87 0.35
C SER B 521 7.54 -23.88 -0.45
#